data_7L7Q
#
_entry.id   7L7Q
#
_cell.length_a   1.00
_cell.length_b   1.00
_cell.length_c   1.00
_cell.angle_alpha   90.00
_cell.angle_beta   90.00
_cell.angle_gamma   90.00
#
_symmetry.space_group_name_H-M   'P 1'
#
loop_
_entity.id
_entity.type
_entity.pdbx_description
1 polymer 'Inner kinetochore subunit MCM16'
2 polymer 'Inner kinetochore subunit CTF3'
3 polymer 'Inner kinetochore subunit MCM22'
#
loop_
_entity_poly.entity_id
_entity_poly.type
_entity_poly.pdbx_seq_one_letter_code
_entity_poly.pdbx_strand_id
1 'polypeptide(L)'
;SNAMTNSSEKQWERIQQLEKEHVEVYRELLITLDRLYLIRKHNHAVILSHTQQRLLEIRHQLQINLEKTALLIRLLEKPD
NTNVLFTKLQNLLEESNSLDYELLQSLGAQSSLHKQLIESRAERDELMSKLIELSSKFPKPTIPPDDSDTAGKQVEVEKE
NETIQELMIALQIHSGYTNISYTI
;
H
2 'polypeptide(L)'
;SNAMSLILDDIILSLTNANERTPPQALKTTLSLLYEKSKQYGLSSPQLQALVRLLCETSIIDTVTKVYIVENCFLPDGYL
TKELLLEIINHLGTPTVFSRYRIQTPPVLQSALCKWLVHVYFLFPVHSEREHNISSSIWLHLWQFSFLQKWITPLVIWQA
TTPVDVKPWKLSIIKRCAMHPGYRDAPGSATLILQRFQCLVGASSQITESIITINCNRKTLKSHRNLKLDAHFLSILKRI
LSRAHPANFPADTVQNTIDMYLSEIHQLGADSIYPLRLQSLPEYVPSDSTVSLWDVTSLEQLAQNWPQLHIPNDVDYMMK
PSLNSNVLLPRKVMSRDSLKHLYSSIILIKNSRDESSSPYEWCIWQLKRCFAHQIETPQEVIPIIISVSSMDNKLSSRII
QTFCNLKYLKLDELTLKKVCGGILPLWKPELISGTREFFVKFMASIFMWSTRDGHDNNCTFSETCFYVLQMITNWVLDDK
LIALGLTLLHDMQSLLTLDKIFNNATSNRFSTMAFISSLDILTQLSKQTKSDYAIQYLIVGPDIMNKVFSSDDPLLLSAA
CRYLVATKNKLMQYPSTNKFVRMQNQYIMDLTNYLYRNKVLSSKSLFGVSPDFFKQILENLYIPTADFKNAKFFTITGIP
ALSYICIIILRRLETAENTKIKFTSGIINEETFNNFFRVHHDEIGQHGWIKGVNNIHDLRVKILMHLSNTANPYRDIAAF
LFTYLKSLSKYSVQNS
;
I
3 'polypeptide(L)'
;SNAMDVEKDVLDVYIKNLENQIGNKRYFLKQAQGAIDEITKRSLDTEGKPVNSEVFTELLRKPMFFSERADPIGFSLTSN
FLSLRAQSSSEWLSLMNDQSVDQKAMLLLQNNINSDLKELLRKLQHQMTIMDSKKQDHAHIRTRKARNKELWDSLADFLK
GYLVPNLDDNDESIDSLTNEVMLLMKRLIEHDLNLTLNDFSSKTIPIYRLLLRANIITVIEGSTNPGTKYIKLIDFNETS
LT
;
K
#
# COMPACT_ATOMS: atom_id res chain seq x y z
N ASN A 6 -11.58 31.89 -13.89
CA ASN A 6 -11.31 30.49 -13.62
C ASN A 6 -11.78 29.61 -14.77
N SER A 7 -11.83 30.20 -15.96
CA SER A 7 -12.27 29.49 -17.16
C SER A 7 -11.50 28.18 -17.33
N SER A 8 -10.18 28.29 -17.51
CA SER A 8 -9.37 27.10 -17.76
C SER A 8 -9.48 26.10 -16.61
N GLU A 9 -9.56 26.60 -15.38
CA GLU A 9 -9.62 25.68 -14.24
C GLU A 9 -10.93 24.90 -14.24
N LYS A 10 -12.05 25.60 -14.46
CA LYS A 10 -13.33 24.90 -14.55
C LYS A 10 -13.33 23.93 -15.73
N GLN A 11 -12.68 24.33 -16.83
CA GLN A 11 -12.56 23.43 -17.97
C GLN A 11 -11.82 22.16 -17.58
N TRP A 12 -10.73 22.32 -16.83
CA TRP A 12 -9.95 21.16 -16.41
C TRP A 12 -10.75 20.28 -15.46
N GLU A 13 -11.53 20.90 -14.57
CA GLU A 13 -12.31 20.11 -13.62
C GLU A 13 -13.43 19.34 -14.32
N ARG A 14 -14.09 19.99 -15.27
CA ARG A 14 -15.06 19.27 -16.10
C ARG A 14 -14.38 18.16 -16.89
N ILE A 15 -13.17 18.43 -17.36
CA ILE A 15 -12.37 17.38 -17.99
C ILE A 15 -12.22 16.21 -17.04
N GLN A 16 -11.89 16.50 -15.77
CA GLN A 16 -11.72 15.44 -14.78
C GLN A 16 -12.99 14.62 -14.63
N GLN A 17 -14.12 15.29 -14.44
CA GLN A 17 -15.39 14.61 -14.30
C GLN A 17 -15.65 13.69 -15.49
N LEU A 18 -15.57 14.27 -16.69
CA LEU A 18 -15.88 13.53 -17.90
C LEU A 18 -14.94 12.34 -18.07
N GLU A 19 -13.64 12.57 -17.89
CA GLU A 19 -12.69 11.47 -18.04
C GLU A 19 -12.87 10.40 -16.98
N LYS A 20 -13.29 10.77 -15.77
CA LYS A 20 -13.53 9.77 -14.74
C LYS A 20 -14.65 8.86 -15.19
N GLU A 21 -15.77 9.47 -15.58
CA GLU A 21 -16.89 8.68 -16.11
C GLU A 21 -16.41 7.83 -17.28
N HIS A 22 -15.53 8.41 -18.09
CA HIS A 22 -15.07 7.74 -19.30
C HIS A 22 -14.27 6.50 -18.98
N VAL A 23 -13.28 6.63 -18.10
CA VAL A 23 -12.44 5.48 -17.78
C VAL A 23 -13.23 4.43 -17.04
N GLU A 24 -14.19 4.85 -16.21
CA GLU A 24 -15.05 3.88 -15.55
C GLU A 24 -15.85 3.07 -16.56
N VAL A 25 -16.47 3.76 -17.52
CA VAL A 25 -17.28 3.06 -18.53
C VAL A 25 -16.39 2.18 -19.39
N TYR A 26 -15.21 2.66 -19.76
CA TYR A 26 -14.29 1.84 -20.53
C TYR A 26 -13.94 0.57 -19.78
N ARG A 27 -13.65 0.71 -18.49
CA ARG A 27 -13.24 -0.43 -17.70
C ARG A 27 -14.34 -1.48 -17.68
N GLU A 28 -15.53 -1.09 -17.25
CA GLU A 28 -16.63 -2.05 -17.23
C GLU A 28 -16.95 -2.58 -18.62
N LEU A 29 -16.82 -1.76 -19.66
CA LEU A 29 -17.04 -2.22 -21.03
C LEU A 29 -16.09 -3.35 -21.37
N LEU A 30 -14.83 -3.21 -21.00
CA LEU A 30 -13.91 -4.33 -21.16
C LEU A 30 -14.40 -5.53 -20.36
N ILE A 31 -14.80 -5.29 -19.11
CA ILE A 31 -15.36 -6.35 -18.28
C ILE A 31 -16.57 -6.98 -18.97
N THR A 32 -17.53 -6.15 -19.34
CA THR A 32 -18.78 -6.69 -19.89
C THR A 32 -18.55 -7.44 -21.20
N LEU A 33 -17.65 -6.93 -22.05
CA LEU A 33 -17.36 -7.63 -23.29
C LEU A 33 -16.72 -8.97 -23.02
N ASP A 34 -15.64 -9.00 -22.24
CA ASP A 34 -15.01 -10.28 -21.95
C ASP A 34 -15.92 -11.22 -21.18
N ARG A 35 -16.97 -10.70 -20.56
CA ARG A 35 -18.05 -11.56 -20.06
C ARG A 35 -18.86 -12.12 -21.23
N LEU A 36 -19.46 -11.22 -22.02
CA LEU A 36 -20.29 -11.53 -23.16
C LEU A 36 -19.66 -12.56 -24.08
N TYR A 37 -18.33 -12.48 -24.23
CA TYR A 37 -17.63 -13.43 -25.08
C TYR A 37 -17.97 -14.85 -24.66
N LEU A 38 -17.67 -15.21 -23.42
CA LEU A 38 -17.92 -16.59 -22.98
C LEU A 38 -19.40 -16.82 -22.72
N ILE A 39 -20.13 -15.73 -22.46
CA ILE A 39 -21.59 -15.81 -22.46
C ILE A 39 -22.09 -16.47 -23.74
N ARG A 40 -21.52 -16.06 -24.88
CA ARG A 40 -22.02 -16.56 -26.16
C ARG A 40 -21.32 -17.85 -26.56
N LYS A 41 -20.01 -17.96 -26.31
CA LYS A 41 -19.29 -19.15 -26.72
C LYS A 41 -19.80 -20.35 -25.93
N HIS A 42 -19.76 -20.26 -24.60
CA HIS A 42 -20.51 -21.20 -23.78
C HIS A 42 -21.99 -20.84 -23.86
N ASN A 43 -22.83 -21.54 -23.10
CA ASN A 43 -24.25 -21.23 -23.14
C ASN A 43 -24.70 -20.63 -21.81
N HIS A 44 -24.17 -21.14 -20.70
CA HIS A 44 -24.51 -20.61 -19.40
C HIS A 44 -23.30 -20.52 -18.47
N ALA A 45 -22.13 -20.93 -18.94
CA ALA A 45 -20.97 -21.06 -18.06
C ALA A 45 -20.46 -19.71 -17.60
N VAL A 46 -20.87 -19.29 -16.41
CA VAL A 46 -20.52 -17.98 -15.86
C VAL A 46 -19.98 -18.18 -14.44
N ILE A 47 -19.32 -19.29 -14.19
CA ILE A 47 -18.86 -19.62 -12.85
C ILE A 47 -17.36 -19.36 -12.74
N LEU A 48 -16.86 -18.41 -13.53
CA LEU A 48 -15.47 -17.98 -13.45
C LEU A 48 -15.02 -17.85 -11.99
N SER A 49 -13.99 -18.60 -11.62
CA SER A 49 -13.56 -18.66 -10.22
C SER A 49 -12.73 -17.46 -9.86
N HIS A 50 -12.44 -17.31 -8.56
CA HIS A 50 -11.56 -16.23 -8.10
C HIS A 50 -10.22 -16.22 -8.82
N THR A 51 -9.56 -17.37 -8.95
CA THR A 51 -8.33 -17.42 -9.71
C THR A 51 -8.59 -17.06 -11.17
N GLN A 52 -9.67 -17.58 -11.74
CA GLN A 52 -10.08 -17.20 -13.08
C GLN A 52 -10.48 -15.74 -13.17
N GLN A 53 -11.09 -15.20 -12.14
CA GLN A 53 -11.49 -13.80 -12.14
C GLN A 53 -10.30 -12.86 -12.08
N ARG A 54 -9.22 -13.24 -11.41
CA ARG A 54 -8.05 -12.39 -11.29
C ARG A 54 -7.22 -12.33 -12.56
N LEU A 55 -7.17 -13.42 -13.33
CA LEU A 55 -6.41 -13.37 -14.58
C LEU A 55 -7.02 -12.35 -15.54
N LEU A 56 -8.34 -12.37 -15.65
CA LEU A 56 -9.07 -11.33 -16.38
C LEU A 56 -8.68 -9.96 -15.87
N GLU A 57 -8.60 -9.83 -14.54
CA GLU A 57 -8.29 -8.54 -13.94
C GLU A 57 -6.94 -8.03 -14.40
N ILE A 58 -5.91 -8.88 -14.32
CA ILE A 58 -4.58 -8.40 -14.67
C ILE A 58 -4.49 -8.22 -16.18
N ARG A 59 -5.21 -9.00 -16.97
CA ARG A 59 -5.21 -8.78 -18.41
C ARG A 59 -5.77 -7.42 -18.74
N HIS A 60 -6.86 -7.04 -18.09
CA HIS A 60 -7.48 -5.76 -18.38
C HIS A 60 -6.61 -4.61 -17.88
N GLN A 61 -6.02 -4.76 -16.70
CA GLN A 61 -5.14 -3.73 -16.19
C GLN A 61 -3.93 -3.56 -17.09
N LEU A 62 -3.40 -4.67 -17.60
CA LEU A 62 -2.20 -4.64 -18.43
C LEU A 62 -2.47 -4.11 -19.82
N GLN A 63 -3.67 -4.29 -20.36
CA GLN A 63 -4.04 -3.52 -21.53
C GLN A 63 -4.20 -2.04 -21.20
N ILE A 64 -4.94 -1.71 -20.14
CA ILE A 64 -4.95 -0.37 -19.59
C ILE A 64 -3.54 0.18 -19.45
N ASN A 65 -2.59 -0.67 -19.08
CA ASN A 65 -1.20 -0.27 -19.07
C ASN A 65 -0.71 0.18 -20.43
N LEU A 66 -0.71 -0.70 -21.42
CA LEU A 66 -0.16 -0.38 -22.73
C LEU A 66 -0.86 0.79 -23.41
N GLU A 67 -2.15 0.96 -23.18
CA GLU A 67 -2.80 2.14 -23.75
C GLU A 67 -2.33 3.43 -23.10
N LYS A 68 -1.89 3.37 -21.85
CA LYS A 68 -1.48 4.59 -21.18
C LYS A 68 -0.02 4.94 -21.42
N THR A 69 0.79 4.00 -21.87
CA THR A 69 2.14 4.31 -22.27
C THR A 69 2.21 4.83 -23.70
N ALA A 70 1.26 4.46 -24.55
CA ALA A 70 1.20 4.99 -25.90
C ALA A 70 1.11 6.50 -25.93
N LEU A 71 0.26 7.11 -25.11
CA LEU A 71 0.27 8.55 -24.97
C LEU A 71 1.65 9.09 -24.66
N LEU A 72 2.41 8.41 -23.82
CA LEU A 72 3.75 8.84 -23.48
C LEU A 72 4.72 8.69 -24.64
N ILE A 73 4.22 8.37 -25.83
CA ILE A 73 5.03 8.37 -27.04
C ILE A 73 4.61 9.47 -28.01
N ARG A 74 3.34 9.86 -28.05
CA ARG A 74 2.88 10.86 -28.99
C ARG A 74 2.77 12.26 -28.42
N LEU A 75 3.12 12.47 -27.15
CA LEU A 75 3.01 13.79 -26.54
C LEU A 75 4.36 14.33 -26.11
N LEU A 76 5.43 13.56 -26.26
CA LEU A 76 6.66 13.96 -25.60
C LEU A 76 7.82 14.23 -26.55
N GLU A 77 8.02 13.35 -27.54
CA GLU A 77 9.20 13.46 -28.39
C GLU A 77 9.27 14.82 -29.07
N LYS A 78 8.12 15.39 -29.42
CA LYS A 78 8.05 16.73 -29.97
C LYS A 78 7.22 17.57 -29.03
N PRO A 79 7.82 18.09 -27.98
CA PRO A 79 7.05 18.90 -27.02
C PRO A 79 6.55 20.19 -27.65
N ASP A 80 5.23 20.30 -27.80
CA ASP A 80 4.65 21.48 -28.44
C ASP A 80 4.81 22.72 -27.58
N ASN A 81 4.56 22.60 -26.27
CA ASN A 81 4.67 23.70 -25.32
C ASN A 81 3.63 24.78 -25.63
N THR A 82 2.65 24.40 -26.45
CA THR A 82 1.52 25.28 -26.76
C THR A 82 0.24 24.50 -26.56
N ASN A 83 0.33 23.17 -26.66
CA ASN A 83 -0.80 22.31 -26.42
C ASN A 83 -1.34 22.53 -25.01
N VAL A 84 -2.54 23.07 -24.94
CA VAL A 84 -3.21 23.23 -23.65
C VAL A 84 -3.27 21.92 -22.88
N LEU A 85 -3.15 20.79 -23.57
CA LEU A 85 -3.14 19.50 -22.91
C LEU A 85 -1.73 19.01 -22.58
N PHE A 86 -0.75 19.25 -23.44
CA PHE A 86 0.62 18.83 -23.13
C PHE A 86 1.23 19.64 -22.00
N THR A 87 0.93 20.93 -21.91
CA THR A 87 1.27 21.68 -20.72
C THR A 87 0.66 21.07 -19.47
N LYS A 88 -0.54 20.51 -19.57
CA LYS A 88 -1.15 19.82 -18.45
C LYS A 88 -0.36 18.57 -18.07
N LEU A 89 0.32 17.95 -19.04
CA LEU A 89 1.05 16.73 -18.74
C LEU A 89 2.16 16.97 -17.73
N GLN A 90 3.14 17.80 -18.07
CA GLN A 90 4.32 17.97 -17.24
C GLN A 90 3.96 18.36 -15.81
N ASN A 91 3.23 19.46 -15.66
CA ASN A 91 2.83 19.89 -14.33
C ASN A 91 1.95 18.88 -13.61
N LEU A 92 1.35 17.94 -14.34
CA LEU A 92 0.71 16.79 -13.70
C LEU A 92 1.55 15.54 -13.87
N LEU A 93 2.84 15.68 -14.16
CA LEU A 93 3.74 14.56 -14.26
C LEU A 93 4.93 14.66 -13.31
N GLU A 94 5.47 15.86 -13.11
CA GLU A 94 6.44 16.09 -12.04
C GLU A 94 5.78 16.11 -10.68
N GLU A 95 4.51 16.50 -10.62
CA GLU A 95 3.77 16.55 -9.37
C GLU A 95 3.61 15.17 -8.76
N SER A 96 3.63 14.14 -9.61
CA SER A 96 3.33 12.78 -9.16
C SER A 96 4.41 12.27 -8.22
N ASN A 97 5.66 12.54 -8.55
CA ASN A 97 6.76 11.86 -7.89
C ASN A 97 7.48 12.75 -6.88
N SER A 98 7.01 13.98 -6.66
CA SER A 98 7.58 14.81 -5.61
C SER A 98 7.44 14.14 -4.25
N LEU A 99 6.23 13.70 -3.91
CA LEU A 99 5.94 13.11 -2.61
C LEU A 99 6.52 11.71 -2.46
N ASP A 100 7.17 11.19 -3.49
CA ASP A 100 7.73 9.85 -3.39
C ASP A 100 8.78 9.73 -2.31
N TYR A 101 9.53 10.79 -2.02
CA TYR A 101 10.53 10.66 -0.96
C TYR A 101 9.96 10.48 0.46
N GLU A 102 8.95 11.29 0.78
CA GLU A 102 8.35 11.28 2.10
C GLU A 102 7.70 9.96 2.50
N LEU A 103 7.01 9.32 1.56
CA LEU A 103 6.36 8.06 1.88
C LEU A 103 7.40 7.00 2.27
N LEU A 104 8.50 6.95 1.52
CA LEU A 104 9.57 6.01 1.81
C LEU A 104 10.21 6.32 3.17
N GLN A 105 10.39 7.61 3.44
CA GLN A 105 10.99 8.08 4.69
C GLN A 105 10.10 7.96 5.92
N SER A 106 8.83 8.28 5.72
CA SER A 106 7.77 8.32 6.72
C SER A 106 7.20 6.94 7.01
N LEU A 107 7.42 5.98 6.12
CA LEU A 107 7.22 4.59 6.44
C LEU A 107 8.36 4.02 7.27
N GLY A 108 9.58 4.49 7.06
CA GLY A 108 10.68 4.12 7.91
C GLY A 108 10.58 4.81 9.25
N ALA A 109 10.02 6.02 9.25
CA ALA A 109 9.79 6.78 10.47
C ALA A 109 8.64 6.23 11.29
N GLN A 110 8.04 5.12 10.86
CA GLN A 110 7.07 4.39 11.66
C GLN A 110 7.53 2.99 12.01
N SER A 111 8.19 2.31 11.09
CA SER A 111 8.73 0.97 11.34
C SER A 111 9.83 0.96 12.38
N SER A 112 10.28 2.12 12.84
CA SER A 112 11.27 2.19 13.92
C SER A 112 10.58 2.68 15.20
N LEU A 113 9.85 3.78 15.09
CA LEU A 113 9.05 4.33 16.18
C LEU A 113 8.26 3.23 16.86
N HIS A 114 7.65 2.36 16.06
CA HIS A 114 6.95 1.19 16.58
C HIS A 114 7.87 0.24 17.32
N LYS A 115 9.12 0.07 16.87
CA LYS A 115 10.05 -0.77 17.61
C LYS A 115 10.37 -0.20 18.97
N GLN A 116 10.36 1.12 19.12
CA GLN A 116 10.53 1.71 20.44
C GLN A 116 9.27 1.52 21.28
N LEU A 117 8.10 1.71 20.69
CA LEU A 117 6.86 1.50 21.42
C LEU A 117 6.79 0.08 21.98
N ILE A 118 7.04 -0.92 21.15
CA ILE A 118 6.92 -2.30 21.60
C ILE A 118 7.97 -2.62 22.65
N GLU A 119 9.16 -2.05 22.53
CA GLU A 119 10.20 -2.32 23.52
C GLU A 119 9.86 -1.71 24.86
N SER A 120 9.41 -0.45 24.86
CA SER A 120 9.03 0.19 26.11
C SER A 120 7.83 -0.52 26.74
N ARG A 121 6.90 -1.00 25.92
CA ARG A 121 5.78 -1.76 26.49
C ARG A 121 6.27 -3.08 27.06
N ALA A 122 7.23 -3.72 26.41
CA ALA A 122 7.74 -4.99 26.91
C ALA A 122 8.46 -4.81 28.24
N GLU A 123 9.21 -3.72 28.38
CA GLU A 123 9.84 -3.46 29.67
C GLU A 123 8.76 -3.14 30.72
N ARG A 124 7.72 -2.41 30.32
CA ARG A 124 6.61 -2.17 31.24
C ARG A 124 5.96 -3.49 31.68
N ASP A 125 5.87 -4.45 30.76
CA ASP A 125 5.35 -5.76 31.12
C ASP A 125 6.25 -6.47 32.11
N GLU A 126 7.52 -6.66 31.76
CA GLU A 126 8.49 -7.25 32.68
C GLU A 126 8.57 -6.51 34.01
N LEU A 127 8.09 -5.27 34.05
CA LEU A 127 8.11 -4.47 35.27
C LEU A 127 6.87 -4.70 36.11
N MET A 128 5.70 -4.56 35.50
CA MET A 128 4.41 -4.72 36.17
C MET A 128 4.29 -6.09 36.81
N SER A 129 4.72 -7.13 36.10
CA SER A 129 4.65 -8.48 36.65
C SER A 129 5.48 -8.59 37.92
N LYS A 130 6.73 -8.14 37.87
CA LYS A 130 7.56 -8.13 39.07
C LYS A 130 6.92 -7.33 40.18
N LEU A 131 6.30 -6.20 39.84
CA LEU A 131 5.72 -5.34 40.87
C LEU A 131 4.53 -6.02 41.54
N ILE A 132 3.74 -6.74 40.76
CA ILE A 132 2.61 -7.47 41.34
C ILE A 132 3.12 -8.63 42.19
N GLU A 133 4.15 -9.33 41.71
CA GLU A 133 4.78 -10.37 42.51
C GLU A 133 5.22 -9.82 43.86
N LEU A 134 5.81 -8.63 43.86
CA LEU A 134 6.30 -8.04 45.11
C LEU A 134 5.15 -7.61 46.00
N SER A 135 4.14 -6.93 45.43
CA SER A 135 2.99 -6.51 46.22
C SER A 135 2.24 -7.72 46.77
N SER A 136 2.42 -8.88 46.14
CA SER A 136 1.84 -10.11 46.68
C SER A 136 2.73 -10.69 47.77
N LYS A 137 4.05 -10.46 47.66
CA LYS A 137 4.96 -10.88 48.73
C LYS A 137 4.65 -10.17 50.04
N PHE A 138 3.75 -9.19 49.99
CA PHE A 138 3.22 -8.56 51.20
C PHE A 138 2.47 -9.53 52.08
N SER B 292 -4.69 7.84 51.77
CA SER B 292 -5.45 8.13 50.56
C SER B 292 -4.54 8.42 49.38
N LEU B 293 -4.93 7.97 48.20
CA LEU B 293 -4.09 8.17 47.02
C LEU B 293 -3.87 9.64 46.74
N TRP B 294 -4.90 10.47 46.95
CA TRP B 294 -4.73 11.91 46.77
C TRP B 294 -3.67 12.45 47.72
N ASP B 295 -3.59 11.88 48.93
CA ASP B 295 -2.63 12.38 49.90
C ASP B 295 -1.21 12.07 49.49
N VAL B 296 -1.03 11.09 48.61
CA VAL B 296 0.30 10.75 48.11
C VAL B 296 0.83 11.92 47.30
N THR B 297 2.03 12.38 47.60
CA THR B 297 2.57 13.54 46.90
C THR B 297 3.86 13.20 46.17
N SER B 298 4.75 12.48 46.83
CA SER B 298 6.03 12.12 46.24
C SER B 298 6.07 10.62 46.01
N LEU B 299 7.03 10.20 45.20
CA LEU B 299 7.25 8.76 45.02
C LEU B 299 7.64 8.12 46.35
N GLU B 300 8.32 8.87 47.22
CA GLU B 300 8.65 8.35 48.54
C GLU B 300 7.41 8.15 49.38
N GLN B 301 6.41 9.01 49.22
CA GLN B 301 5.15 8.81 49.92
C GLN B 301 4.51 7.50 49.53
N LEU B 302 4.40 7.23 48.23
CA LEU B 302 3.82 5.97 47.79
C LEU B 302 4.65 4.80 48.25
N ALA B 303 5.97 4.96 48.26
CA ALA B 303 6.83 3.88 48.72
C ALA B 303 6.57 3.54 50.18
N GLN B 304 6.53 4.56 51.03
CA GLN B 304 6.42 4.33 52.47
C GLN B 304 5.01 3.92 52.86
N ASN B 305 4.01 4.73 52.49
CA ASN B 305 2.66 4.49 52.98
C ASN B 305 1.93 3.44 52.15
N TRP B 306 2.69 2.63 51.40
CA TRP B 306 2.14 1.69 50.43
C TRP B 306 1.02 0.82 51.00
N PRO B 307 1.26 -0.01 52.03
CA PRO B 307 0.18 -0.90 52.46
C PRO B 307 -0.98 -0.18 53.10
N GLN B 308 -0.70 0.91 53.81
CA GLN B 308 -1.78 1.67 54.44
C GLN B 308 -2.57 2.47 53.42
N LEU B 309 -2.13 2.48 52.17
CA LEU B 309 -2.78 3.27 51.15
C LEU B 309 -4.22 2.82 50.94
N HIS B 310 -5.10 3.78 50.74
CA HIS B 310 -6.51 3.52 50.46
C HIS B 310 -6.80 3.81 48.99
N ILE B 311 -7.44 2.86 48.33
CA ILE B 311 -7.85 3.05 46.94
C ILE B 311 -9.21 3.74 46.91
N PRO B 312 -9.31 4.95 46.39
CA PRO B 312 -10.62 5.61 46.30
C PRO B 312 -11.43 5.12 45.12
N ASN B 313 -12.57 5.76 44.87
CA ASN B 313 -13.46 5.40 43.77
C ASN B 313 -13.68 6.56 42.81
N ASP B 314 -12.77 7.53 42.81
CA ASP B 314 -12.92 8.74 42.00
C ASP B 314 -12.24 8.54 40.64
N VAL B 315 -12.74 7.53 39.92
CA VAL B 315 -12.08 7.10 38.69
C VAL B 315 -12.11 8.18 37.62
N ASP B 316 -13.25 8.88 37.48
CA ASP B 316 -13.36 9.91 36.46
C ASP B 316 -12.38 11.05 36.68
N TYR B 317 -11.99 11.29 37.93
CA TYR B 317 -11.00 12.33 38.22
C TYR B 317 -9.59 11.76 38.12
N MET B 318 -9.43 10.47 38.39
CA MET B 318 -8.10 9.87 38.38
C MET B 318 -7.61 9.64 36.96
N MET B 319 -8.52 9.31 36.04
CA MET B 319 -8.10 9.00 34.67
C MET B 319 -7.99 10.28 33.84
N LYS B 320 -9.04 11.09 33.82
CA LYS B 320 -9.03 12.33 33.09
C LYS B 320 -7.96 13.27 33.64
N PRO B 321 -7.36 14.04 32.74
CA PRO B 321 -6.32 14.99 33.12
C PRO B 321 -6.88 16.06 34.05
N SER B 335 3.52 19.18 42.63
CA SER B 335 2.54 19.51 43.64
C SER B 335 1.76 18.27 44.08
N ARG B 336 0.48 18.47 44.39
CA ARG B 336 -0.35 17.35 44.83
C ARG B 336 -0.72 16.42 43.68
N ASP B 337 -0.47 16.84 42.44
CA ASP B 337 -0.87 16.07 41.27
C ASP B 337 0.34 15.54 40.50
N SER B 338 1.53 15.72 41.06
CA SER B 338 2.78 15.32 40.43
C SER B 338 2.76 13.89 39.91
N LEU B 339 2.10 12.99 40.63
CA LEU B 339 2.08 11.58 40.26
C LEU B 339 0.82 11.16 39.52
N LYS B 340 -0.01 12.11 39.08
CA LYS B 340 -1.23 11.77 38.35
C LYS B 340 -0.94 10.83 37.19
N HIS B 341 0.23 10.97 36.59
CA HIS B 341 0.63 10.06 35.52
C HIS B 341 0.63 8.61 36.00
N LEU B 342 1.16 8.37 37.19
CA LEU B 342 1.21 7.01 37.71
C LEU B 342 -0.10 6.58 38.34
N TYR B 343 -0.94 7.53 38.72
CA TYR B 343 -2.21 7.28 39.40
C TYR B 343 -2.95 6.07 38.85
N SER B 344 -3.19 6.06 37.54
CA SER B 344 -3.92 4.94 36.94
C SER B 344 -3.16 3.64 37.08
N SER B 345 -1.88 3.65 36.69
CA SER B 345 -1.10 2.41 36.69
C SER B 345 -1.03 1.76 38.06
N ILE B 346 -0.81 2.56 39.11
CA ILE B 346 -0.66 1.99 40.43
C ILE B 346 -1.94 1.31 40.92
N ILE B 347 -3.10 1.80 40.52
CA ILE B 347 -4.37 1.19 40.94
C ILE B 347 -4.55 -0.22 40.39
N LEU B 348 -4.05 -0.49 39.19
CA LEU B 348 -3.97 -1.85 38.69
C LEU B 348 -2.97 -2.69 39.46
N ILE B 349 -2.26 -2.11 40.42
CA ILE B 349 -1.24 -2.85 41.14
C ILE B 349 -1.68 -3.13 42.57
N LYS B 350 -2.34 -2.16 43.21
CA LYS B 350 -2.82 -2.37 44.57
C LYS B 350 -3.71 -3.61 44.64
N ASN B 351 -4.69 -3.70 43.77
CA ASN B 351 -5.43 -4.92 43.53
C ASN B 351 -4.85 -5.57 42.28
N SER B 352 -5.01 -6.88 42.16
CA SER B 352 -4.60 -7.55 40.93
C SER B 352 -5.37 -7.01 39.75
N ARG B 353 -4.85 -7.25 38.55
CA ARG B 353 -5.52 -6.76 37.35
C ARG B 353 -6.74 -7.61 37.03
N ASP B 354 -7.86 -7.31 37.67
CA ASP B 354 -9.11 -8.02 37.42
C ASP B 354 -9.92 -7.25 36.39
N GLU B 355 -10.86 -7.94 35.74
CA GLU B 355 -11.69 -7.32 34.73
C GLU B 355 -12.50 -6.18 35.32
N SER B 356 -12.97 -6.35 36.55
CA SER B 356 -13.77 -5.32 37.22
C SER B 356 -12.95 -4.12 37.65
N SER B 357 -11.66 -4.08 37.33
CA SER B 357 -10.80 -2.99 37.77
C SER B 357 -11.35 -1.66 37.32
N SER B 358 -11.41 -0.71 38.25
CA SER B 358 -12.05 0.57 38.00
C SER B 358 -11.64 1.24 36.69
N PRO B 359 -10.35 1.39 36.37
CA PRO B 359 -10.01 2.08 35.12
C PRO B 359 -10.40 1.29 33.88
N TYR B 360 -10.42 -0.04 33.96
CA TYR B 360 -10.86 -0.84 32.82
C TYR B 360 -12.28 -0.49 32.43
N GLU B 361 -13.22 -0.67 33.35
CA GLU B 361 -14.60 -0.31 33.07
C GLU B 361 -14.73 1.16 32.72
N TRP B 362 -13.96 2.02 33.38
CA TRP B 362 -14.03 3.44 33.07
C TRP B 362 -13.70 3.70 31.60
N CYS B 363 -12.58 3.17 31.14
CA CYS B 363 -12.14 3.48 29.78
C CYS B 363 -13.02 2.80 28.74
N ILE B 364 -13.48 1.58 29.01
CA ILE B 364 -14.33 0.95 28.00
C ILE B 364 -15.67 1.66 27.93
N TRP B 365 -16.20 2.10 29.06
CA TRP B 365 -17.44 2.87 29.02
C TRP B 365 -17.23 4.22 28.35
N GLN B 366 -16.05 4.82 28.54
CA GLN B 366 -15.71 6.03 27.82
C GLN B 366 -15.69 5.78 26.31
N LEU B 367 -15.10 4.67 25.89
CA LEU B 367 -15.04 4.35 24.48
C LEU B 367 -16.43 4.15 23.91
N LYS B 368 -17.30 3.49 24.67
CA LYS B 368 -18.70 3.37 24.27
C LYS B 368 -19.31 4.75 24.06
N ARG B 369 -19.33 5.58 25.10
CA ARG B 369 -19.93 6.90 24.99
C ARG B 369 -19.17 7.81 24.04
N CYS B 370 -18.06 7.32 23.47
CA CYS B 370 -17.39 8.06 22.40
C CYS B 370 -17.90 7.61 21.04
N PHE B 371 -18.01 6.30 20.83
CA PHE B 371 -18.54 5.79 19.57
C PHE B 371 -19.91 6.37 19.29
N ALA B 372 -20.88 6.05 20.15
CA ALA B 372 -22.06 6.89 20.25
C ALA B 372 -21.63 8.29 20.64
N HIS B 373 -22.04 9.28 19.86
CA HIS B 373 -21.38 10.59 19.87
C HIS B 373 -22.06 11.52 20.87
N GLN B 374 -21.93 11.17 22.14
CA GLN B 374 -22.45 12.01 23.22
C GLN B 374 -21.40 12.87 23.89
N ILE B 375 -20.12 12.57 23.69
CA ILE B 375 -19.03 13.23 24.40
C ILE B 375 -18.77 14.58 23.74
N GLU B 376 -18.56 15.61 24.57
CA GLU B 376 -18.29 16.95 24.05
C GLU B 376 -17.08 16.95 23.15
N THR B 377 -15.98 16.36 23.61
CA THR B 377 -14.73 16.34 22.85
C THR B 377 -14.25 14.91 22.74
N PRO B 378 -14.68 14.17 21.73
CA PRO B 378 -14.23 12.77 21.60
C PRO B 378 -12.72 12.65 21.43
N GLN B 379 -12.11 13.61 20.74
CA GLN B 379 -10.68 13.51 20.45
C GLN B 379 -9.84 13.47 21.71
N GLU B 380 -10.18 14.32 22.69
CA GLU B 380 -9.34 14.52 23.87
C GLU B 380 -9.12 13.27 24.69
N VAL B 381 -10.09 12.35 24.72
CA VAL B 381 -10.01 11.19 25.59
C VAL B 381 -9.28 10.02 24.94
N ILE B 382 -9.32 9.92 23.61
CA ILE B 382 -8.74 8.79 22.89
C ILE B 382 -7.29 8.56 23.28
N PRO B 383 -6.42 9.58 23.25
CA PRO B 383 -5.01 9.31 23.64
C PRO B 383 -4.89 8.75 25.04
N ILE B 384 -5.64 9.29 25.99
CA ILE B 384 -5.73 8.71 27.31
C ILE B 384 -6.14 7.25 27.26
N ILE B 385 -7.22 6.95 26.55
CA ILE B 385 -7.73 5.58 26.47
C ILE B 385 -6.67 4.68 25.86
N ILE B 386 -6.07 5.10 24.75
CA ILE B 386 -5.00 4.33 24.15
C ILE B 386 -3.89 4.04 25.15
N SER B 387 -3.38 5.07 25.82
CA SER B 387 -2.23 4.98 26.71
C SER B 387 -2.36 3.82 27.69
N VAL B 388 -3.37 3.84 28.54
CA VAL B 388 -3.57 2.76 29.50
C VAL B 388 -3.82 1.44 28.80
N SER B 389 -4.46 1.47 27.64
CA SER B 389 -4.79 0.26 26.91
C SER B 389 -3.68 -0.20 25.98
N SER B 390 -3.01 0.71 25.28
CA SER B 390 -1.92 0.32 24.39
C SER B 390 -0.90 -0.55 25.10
N MET B 391 -0.70 -0.35 26.40
CA MET B 391 0.24 -1.13 27.19
C MET B 391 -0.48 -1.95 28.26
N ASP B 392 -1.63 -2.52 27.89
CA ASP B 392 -2.31 -3.47 28.75
C ASP B 392 -2.93 -4.54 27.86
N ASN B 393 -2.42 -5.75 27.95
CA ASN B 393 -2.90 -6.85 27.12
C ASN B 393 -4.32 -7.21 27.51
N LYS B 394 -4.58 -7.26 28.81
CA LYS B 394 -5.89 -7.65 29.34
C LYS B 394 -7.00 -6.72 28.86
N LEU B 395 -6.87 -5.42 29.16
CA LEU B 395 -7.88 -4.45 28.76
C LEU B 395 -8.04 -4.38 27.25
N SER B 396 -6.94 -4.52 26.51
CA SER B 396 -7.00 -4.44 25.06
C SER B 396 -7.98 -5.43 24.45
N SER B 397 -7.76 -6.73 24.63
CA SER B 397 -8.62 -7.74 24.05
C SER B 397 -10.09 -7.55 24.35
N ARG B 398 -10.43 -7.12 25.57
CA ARG B 398 -11.81 -6.76 25.87
C ARG B 398 -12.33 -5.68 24.95
N ILE B 399 -11.59 -4.57 24.82
CA ILE B 399 -11.98 -3.54 23.87
C ILE B 399 -11.99 -4.08 22.45
N ILE B 400 -11.09 -5.00 22.14
CA ILE B 400 -11.08 -5.59 20.81
C ILE B 400 -12.41 -6.28 20.51
N GLN B 401 -12.76 -7.31 21.28
CA GLN B 401 -14.02 -7.99 21.08
C GLN B 401 -15.20 -7.04 21.14
N THR B 402 -15.09 -5.99 21.94
CA THR B 402 -16.23 -5.10 22.12
C THR B 402 -16.38 -4.13 20.96
N PHE B 403 -15.30 -3.82 20.25
CA PHE B 403 -15.34 -2.74 19.27
C PHE B 403 -14.74 -3.09 17.91
N CYS B 404 -14.31 -4.33 17.70
CA CYS B 404 -13.68 -4.72 16.44
C CYS B 404 -14.57 -5.62 15.60
N ASN B 405 -15.86 -5.30 15.52
CA ASN B 405 -16.78 -5.95 14.61
C ASN B 405 -17.38 -4.91 13.68
N LEU B 406 -17.94 -5.39 12.56
CA LEU B 406 -18.69 -4.50 11.69
C LEU B 406 -19.81 -3.81 12.45
N LYS B 407 -20.42 -4.49 13.41
CA LYS B 407 -21.46 -3.88 14.25
C LYS B 407 -21.00 -2.53 14.78
N TYR B 408 -19.82 -2.47 15.37
CA TYR B 408 -19.29 -1.22 15.89
C TYR B 408 -18.44 -0.52 14.85
N LEU B 409 -18.97 -0.37 13.67
CA LEU B 409 -18.26 0.39 12.65
C LEU B 409 -19.13 1.47 12.03
N LYS B 410 -20.41 1.21 11.82
CA LYS B 410 -21.27 2.13 11.11
C LYS B 410 -21.59 3.36 11.96
N LEU B 411 -21.30 3.30 13.25
CA LEU B 411 -21.54 4.44 14.11
C LEU B 411 -20.50 5.51 13.84
N ASP B 412 -19.24 5.11 13.77
CA ASP B 412 -18.14 6.02 13.43
C ASP B 412 -16.97 5.18 12.95
N GLU B 413 -16.70 5.23 11.65
CA GLU B 413 -15.52 4.57 11.10
C GLU B 413 -14.23 5.34 11.37
N LEU B 414 -14.32 6.56 11.90
CA LEU B 414 -13.15 7.37 12.16
C LEU B 414 -12.56 7.14 13.54
N THR B 415 -13.39 7.02 14.58
CA THR B 415 -12.87 6.73 15.90
C THR B 415 -12.37 5.30 16.04
N LEU B 416 -13.05 4.32 15.43
CA LEU B 416 -12.52 2.97 15.42
C LEU B 416 -11.16 2.92 14.75
N LYS B 417 -10.98 3.72 13.70
CA LYS B 417 -9.68 3.87 13.05
C LYS B 417 -8.59 4.26 14.05
N LYS B 418 -8.82 5.32 14.82
CA LYS B 418 -7.78 5.83 15.71
C LYS B 418 -7.48 4.87 16.84
N VAL B 419 -8.52 4.36 17.52
CA VAL B 419 -8.28 3.40 18.59
C VAL B 419 -7.60 2.15 18.06
N CYS B 420 -7.96 1.74 16.84
CA CYS B 420 -7.22 0.67 16.20
C CYS B 420 -5.74 1.00 16.08
N GLY B 421 -5.40 2.13 15.44
CA GLY B 421 -4.01 2.55 15.38
C GLY B 421 -3.33 2.58 16.73
N GLY B 422 -4.08 2.86 17.79
CA GLY B 422 -3.52 2.79 19.11
C GLY B 422 -3.36 1.37 19.59
N ILE B 423 -4.47 0.65 19.70
CA ILE B 423 -4.44 -0.63 20.40
C ILE B 423 -3.92 -1.73 19.50
N LEU B 424 -4.40 -1.78 18.25
CA LEU B 424 -4.07 -2.90 17.37
C LEU B 424 -2.58 -3.20 17.30
N PRO B 425 -1.68 -2.26 16.97
CA PRO B 425 -0.27 -2.63 16.81
C PRO B 425 0.34 -3.24 18.05
N LEU B 426 -0.15 -2.90 19.23
CA LEU B 426 0.37 -3.41 20.48
C LEU B 426 -0.65 -4.40 21.03
N TRP B 427 -0.49 -5.67 20.68
CA TRP B 427 -1.36 -6.71 21.22
C TRP B 427 -0.74 -8.08 21.05
N LYS B 428 -0.95 -8.92 22.05
CA LYS B 428 -0.70 -10.35 21.94
C LYS B 428 -2.03 -11.03 22.25
N PRO B 429 -2.64 -11.72 21.31
CA PRO B 429 -3.89 -12.42 21.60
C PRO B 429 -3.72 -13.41 22.73
N GLU B 430 -4.68 -13.41 23.67
CA GLU B 430 -4.63 -14.34 24.78
C GLU B 430 -4.70 -15.78 24.29
N LEU B 431 -5.77 -16.14 23.60
CA LEU B 431 -5.91 -17.45 22.97
C LEU B 431 -5.65 -17.27 21.48
N ILE B 432 -4.76 -18.09 20.95
CA ILE B 432 -4.35 -18.01 19.56
C ILE B 432 -5.45 -18.37 18.58
N SER B 433 -6.36 -19.29 18.96
CA SER B 433 -7.22 -19.92 17.98
C SER B 433 -8.34 -19.01 17.50
N GLY B 434 -9.19 -18.54 18.40
CA GLY B 434 -10.39 -17.84 18.00
C GLY B 434 -10.18 -16.39 17.63
N THR B 435 -9.09 -16.09 16.92
CA THR B 435 -8.80 -14.71 16.53
C THR B 435 -8.66 -14.57 15.03
N ARG B 436 -7.96 -15.51 14.39
CA ARG B 436 -7.77 -15.45 12.95
C ARG B 436 -9.10 -15.33 12.24
N GLU B 437 -10.01 -16.29 12.47
CA GLU B 437 -11.36 -16.17 11.95
C GLU B 437 -11.96 -14.81 12.28
N PHE B 438 -11.77 -14.38 13.53
CA PHE B 438 -12.35 -13.12 13.96
C PHE B 438 -11.83 -11.95 13.14
N PHE B 439 -10.51 -11.83 13.00
CA PHE B 439 -9.96 -10.69 12.29
C PHE B 439 -10.24 -10.78 10.79
N VAL B 440 -10.21 -11.98 10.23
CA VAL B 440 -10.54 -12.14 8.81
C VAL B 440 -11.95 -11.65 8.56
N LYS B 441 -12.91 -12.12 9.36
CA LYS B 441 -14.27 -11.64 9.26
C LYS B 441 -14.35 -10.13 9.43
N PHE B 442 -13.65 -9.60 10.44
CA PHE B 442 -13.70 -8.17 10.71
C PHE B 442 -13.21 -7.37 9.51
N MET B 443 -12.07 -7.75 8.94
CA MET B 443 -11.49 -6.97 7.86
C MET B 443 -12.30 -7.12 6.58
N ALA B 444 -12.81 -8.33 6.31
CA ALA B 444 -13.71 -8.50 5.18
C ALA B 444 -14.94 -7.61 5.34
N SER B 445 -15.43 -7.49 6.57
CA SER B 445 -16.57 -6.63 6.85
C SER B 445 -16.23 -5.17 6.58
N ILE B 446 -15.06 -4.73 7.06
CA ILE B 446 -14.63 -3.36 6.81
C ILE B 446 -14.48 -3.10 5.32
N PHE B 447 -13.98 -4.09 4.58
CA PHE B 447 -13.87 -3.93 3.14
C PHE B 447 -15.23 -3.76 2.50
N MET B 448 -16.15 -4.67 2.81
CA MET B 448 -17.50 -4.58 2.25
C MET B 448 -18.13 -3.22 2.56
N TRP B 449 -17.91 -2.71 3.76
CA TRP B 449 -18.49 -1.42 4.11
C TRP B 449 -17.76 -0.25 3.48
N SER B 450 -16.48 -0.39 3.16
CA SER B 450 -15.71 0.71 2.63
C SER B 450 -15.83 0.87 1.12
N THR B 451 -16.00 -0.24 0.41
CA THR B 451 -16.08 -0.20 -1.05
C THR B 451 -17.53 -0.35 -1.49
N ARG B 452 -18.46 0.22 -0.73
CA ARG B 452 -19.87 0.05 -1.01
C ARG B 452 -20.34 1.14 -1.98
N ASP B 453 -21.64 1.13 -2.26
CA ASP B 453 -22.22 2.10 -3.18
C ASP B 453 -22.34 3.46 -2.51
N GLY B 454 -22.29 4.52 -3.32
CA GLY B 454 -22.50 5.87 -2.83
C GLY B 454 -21.35 6.45 -2.04
N HIS B 455 -20.26 5.69 -1.94
CA HIS B 455 -19.07 6.16 -1.23
C HIS B 455 -17.84 5.44 -1.74
N ASP B 456 -17.05 6.09 -2.59
CA ASP B 456 -15.92 5.43 -3.23
C ASP B 456 -14.88 4.98 -2.22
N ASN B 457 -14.21 5.94 -1.57
CA ASN B 457 -13.13 5.59 -0.66
C ASN B 457 -12.77 6.78 0.22
N ASN B 458 -12.46 6.47 1.48
CA ASN B 458 -11.86 7.45 2.39
C ASN B 458 -10.75 6.81 3.21
N CYS B 459 -9.99 5.90 2.60
CA CYS B 459 -8.82 5.24 3.21
C CYS B 459 -9.16 4.59 4.55
N THR B 460 -10.44 4.26 4.74
CA THR B 460 -10.86 3.62 5.98
C THR B 460 -10.43 2.17 6.09
N PHE B 461 -10.39 1.45 4.97
CA PHE B 461 -9.93 0.08 5.00
C PHE B 461 -8.42 -0.03 4.88
N SER B 462 -7.82 0.77 4.02
CA SER B 462 -6.38 0.71 3.79
C SER B 462 -5.57 1.00 5.04
N GLU B 463 -5.90 2.06 5.77
CA GLU B 463 -5.09 2.43 6.93
C GLU B 463 -5.37 1.53 8.13
N THR B 464 -6.62 1.11 8.31
CA THR B 464 -6.92 0.11 9.32
C THR B 464 -6.16 -1.16 8.99
N CYS B 465 -6.10 -1.49 7.70
CA CYS B 465 -5.30 -2.62 7.24
C CYS B 465 -3.85 -2.41 7.65
N PHE B 466 -3.33 -1.21 7.43
CA PHE B 466 -1.94 -0.93 7.79
C PHE B 466 -1.70 -1.11 9.28
N TYR B 467 -2.66 -0.71 10.11
CA TYR B 467 -2.51 -0.91 11.54
C TYR B 467 -2.50 -2.39 11.89
N VAL B 468 -3.38 -3.16 11.25
CA VAL B 468 -3.33 -4.60 11.42
C VAL B 468 -1.95 -5.12 11.02
N LEU B 469 -1.39 -4.58 9.95
CA LEU B 469 -0.05 -4.96 9.54
C LEU B 469 0.98 -4.66 10.63
N GLN B 470 0.91 -3.45 11.19
CA GLN B 470 1.72 -3.12 12.36
C GLN B 470 1.62 -4.21 13.41
N MET B 471 0.40 -4.52 13.83
CA MET B 471 0.19 -5.57 14.83
C MET B 471 0.86 -6.87 14.41
N ILE B 472 0.83 -7.18 13.12
CA ILE B 472 1.45 -8.41 12.67
C ILE B 472 2.97 -8.33 12.84
N THR B 473 3.56 -7.14 12.78
CA THR B 473 4.97 -7.02 13.13
C THR B 473 5.21 -7.38 14.59
N ASN B 474 4.43 -6.78 15.48
CA ASN B 474 4.52 -7.12 16.90
C ASN B 474 4.39 -8.61 17.11
N TRP B 475 3.52 -9.26 16.34
CA TRP B 475 3.35 -10.71 16.48
C TRP B 475 4.57 -11.46 15.97
N VAL B 476 4.89 -11.30 14.69
CA VAL B 476 6.01 -12.02 14.08
C VAL B 476 7.33 -11.79 14.79
N LEU B 477 7.48 -10.67 15.51
CA LEU B 477 8.69 -10.48 16.29
C LEU B 477 8.78 -11.47 17.43
N ASP B 478 7.67 -11.68 18.14
CA ASP B 478 7.56 -12.73 19.13
C ASP B 478 7.39 -14.07 18.44
N ASP B 479 7.40 -15.14 19.23
CA ASP B 479 7.26 -16.48 18.69
C ASP B 479 5.91 -17.06 19.08
N LYS B 480 5.59 -18.24 18.55
CA LYS B 480 4.40 -19.03 18.85
C LYS B 480 3.10 -18.37 18.41
N LEU B 481 3.16 -17.15 17.89
CA LEU B 481 2.00 -16.55 17.26
C LEU B 481 2.41 -15.94 15.93
N ILE B 482 3.64 -16.25 15.51
CA ILE B 482 4.06 -15.94 14.15
C ILE B 482 3.18 -16.61 13.12
N ALA B 483 2.78 -17.86 13.35
CA ALA B 483 1.87 -18.53 12.43
C ALA B 483 0.55 -17.78 12.33
N LEU B 484 0.10 -17.17 13.43
CA LEU B 484 -1.06 -16.31 13.36
C LEU B 484 -0.77 -15.03 12.59
N GLY B 485 0.47 -14.58 12.61
CA GLY B 485 0.86 -13.43 11.82
C GLY B 485 0.87 -13.73 10.34
N LEU B 486 1.70 -14.69 9.94
CA LEU B 486 1.92 -15.01 8.53
C LEU B 486 0.82 -15.88 7.93
N THR B 487 -0.30 -16.03 8.63
CA THR B 487 -1.48 -16.60 8.03
C THR B 487 -2.60 -15.59 7.88
N LEU B 488 -2.74 -14.70 8.86
CA LEU B 488 -3.58 -13.53 8.67
C LEU B 488 -2.97 -12.61 7.63
N LEU B 489 -1.67 -12.75 7.38
CA LEU B 489 -0.97 -11.81 6.51
C LEU B 489 -1.43 -11.94 5.07
N HIS B 490 -1.24 -13.11 4.46
CA HIS B 490 -1.70 -13.32 3.09
C HIS B 490 -3.19 -13.19 2.95
N ASP B 491 -3.95 -13.57 3.97
CA ASP B 491 -5.38 -13.34 3.97
C ASP B 491 -5.72 -11.86 3.88
N MET B 492 -4.95 -11.01 4.56
CA MET B 492 -5.14 -9.57 4.45
C MET B 492 -4.65 -9.04 3.11
N GLN B 493 -3.58 -9.61 2.58
CA GLN B 493 -3.08 -9.23 1.27
C GLN B 493 -4.14 -9.47 0.21
N SER B 494 -4.68 -10.68 0.17
CA SER B 494 -5.68 -11.06 -0.81
C SER B 494 -6.93 -10.19 -0.71
N LEU B 495 -7.09 -9.52 0.44
CA LEU B 495 -8.14 -8.52 0.57
C LEU B 495 -7.67 -7.16 0.10
N LEU B 496 -6.37 -6.91 0.16
CA LEU B 496 -5.83 -5.64 -0.33
C LEU B 496 -5.74 -5.61 -1.85
N THR B 497 -5.62 -6.77 -2.48
CA THR B 497 -5.38 -6.87 -3.92
C THR B 497 -6.69 -7.07 -4.67
N LEU B 498 -7.78 -6.52 -4.16
CA LEU B 498 -9.05 -6.58 -4.83
C LEU B 498 -9.21 -5.38 -5.76
N ASP B 499 -9.74 -5.64 -6.94
CA ASP B 499 -9.78 -4.66 -8.02
C ASP B 499 -10.46 -3.36 -7.62
N LYS B 500 -11.51 -3.44 -6.81
CA LYS B 500 -12.27 -2.25 -6.48
C LYS B 500 -11.48 -1.27 -5.62
N ILE B 501 -10.37 -1.70 -5.03
CA ILE B 501 -9.54 -0.77 -4.26
C ILE B 501 -8.10 -0.80 -4.73
N PHE B 502 -7.68 -1.92 -5.35
CA PHE B 502 -6.31 -2.01 -5.86
C PHE B 502 -6.40 -1.92 -7.38
N ASN B 503 -6.31 -0.70 -7.89
CA ASN B 503 -6.70 -0.40 -9.26
C ASN B 503 -5.48 0.03 -10.06
N ASN B 504 -5.61 -0.03 -11.39
CA ASN B 504 -4.64 0.59 -12.29
C ASN B 504 -5.22 1.77 -13.04
N ALA B 505 -6.50 2.06 -12.85
CA ALA B 505 -7.14 3.22 -13.45
C ALA B 505 -7.40 4.28 -12.39
N THR B 506 -8.11 3.90 -11.33
CA THR B 506 -8.36 4.77 -10.19
C THR B 506 -7.83 4.05 -8.95
N SER B 507 -6.52 4.16 -8.73
CA SER B 507 -5.84 3.35 -7.73
C SER B 507 -6.14 3.74 -6.30
N ASN B 508 -6.12 5.03 -5.97
CA ASN B 508 -6.28 5.48 -4.60
C ASN B 508 -5.22 4.85 -3.70
N ARG B 509 -3.98 5.29 -3.91
CA ARG B 509 -2.77 4.61 -3.48
C ARG B 509 -2.84 3.98 -2.10
N PHE B 510 -3.71 4.50 -1.24
CA PHE B 510 -3.86 4.01 0.12
C PHE B 510 -3.69 2.52 0.24
N SER B 511 -4.37 1.73 -0.58
CA SER B 511 -4.14 0.29 -0.60
C SER B 511 -2.70 -0.01 -1.03
N THR B 512 -2.33 0.41 -2.23
CA THR B 512 -0.96 0.24 -2.71
C THR B 512 0.05 0.76 -1.70
N MET B 513 -0.18 1.94 -1.14
CA MET B 513 0.68 2.49 -0.12
C MET B 513 0.73 1.63 1.13
N ALA B 514 -0.42 1.28 1.69
CA ALA B 514 -0.44 0.28 2.76
C ALA B 514 0.14 -1.05 2.33
N PHE B 515 0.04 -1.38 1.05
CA PHE B 515 0.55 -2.66 0.58
C PHE B 515 2.05 -2.78 0.68
N ILE B 516 2.81 -1.72 0.36
CA ILE B 516 4.26 -1.87 0.41
C ILE B 516 4.69 -2.14 1.85
N SER B 517 4.16 -1.39 2.81
CA SER B 517 4.41 -1.67 4.21
C SER B 517 4.14 -3.12 4.56
N SER B 518 2.99 -3.64 4.14
CA SER B 518 2.69 -5.06 4.32
C SER B 518 3.78 -5.94 3.73
N LEU B 519 4.15 -5.71 2.48
CA LEU B 519 5.22 -6.46 1.86
C LEU B 519 6.57 -6.20 2.53
N ASP B 520 6.80 -4.98 3.01
CA ASP B 520 7.99 -4.66 3.77
C ASP B 520 8.08 -5.46 5.05
N ILE B 521 6.96 -5.71 5.72
CA ILE B 521 6.96 -6.41 7.00
C ILE B 521 7.59 -7.79 6.89
N LEU B 522 7.13 -8.61 5.96
CA LEU B 522 7.79 -9.89 5.74
C LEU B 522 9.10 -9.74 4.98
N THR B 523 9.31 -8.61 4.31
CA THR B 523 10.64 -8.30 3.83
C THR B 523 11.60 -8.10 5.00
N GLN B 524 11.23 -7.25 5.95
CA GLN B 524 11.96 -7.15 7.21
C GLN B 524 12.18 -8.54 7.81
N LEU B 525 11.12 -9.32 7.89
CA LEU B 525 11.20 -10.68 8.41
C LEU B 525 12.09 -11.53 7.52
N SER B 526 12.04 -11.27 6.21
CA SER B 526 12.88 -12.02 5.29
C SER B 526 14.36 -11.78 5.56
N LYS B 527 14.73 -10.53 5.84
CA LYS B 527 16.12 -10.21 6.09
C LYS B 527 16.60 -10.83 7.39
N GLN B 528 15.84 -10.64 8.47
CA GLN B 528 16.23 -11.19 9.75
C GLN B 528 16.33 -12.70 9.66
N THR B 529 17.33 -13.27 10.33
CA THR B 529 17.66 -14.67 10.20
C THR B 529 17.27 -15.43 11.46
N LYS B 530 17.51 -16.75 11.44
CA LYS B 530 17.25 -17.63 12.58
C LYS B 530 15.78 -17.60 13.00
N SER B 531 14.89 -18.05 12.12
CA SER B 531 13.48 -18.18 12.46
C SER B 531 12.88 -19.32 11.66
N ASP B 532 12.04 -20.12 12.33
CA ASP B 532 11.37 -21.25 11.69
C ASP B 532 9.92 -20.86 11.41
N TYR B 533 9.64 -20.62 10.13
CA TYR B 533 8.27 -20.48 9.64
C TYR B 533 8.32 -20.91 8.18
N ALA B 534 7.34 -21.67 7.74
CA ALA B 534 7.32 -22.15 6.37
C ALA B 534 7.35 -20.99 5.39
N ILE B 535 8.27 -21.02 4.44
CA ILE B 535 8.29 -20.02 3.38
C ILE B 535 6.96 -20.01 2.65
N GLN B 536 6.25 -21.13 2.68
CA GLN B 536 4.89 -21.21 2.18
C GLN B 536 4.06 -20.05 2.73
N TYR B 537 4.37 -19.63 3.95
CA TYR B 537 3.81 -18.40 4.52
C TYR B 537 4.63 -17.17 4.19
N LEU B 538 5.44 -17.19 3.13
CA LEU B 538 6.24 -16.03 2.78
C LEU B 538 6.08 -15.56 1.35
N ILE B 539 6.01 -16.47 0.39
CA ILE B 539 5.91 -16.10 -1.01
C ILE B 539 4.51 -15.59 -1.29
N VAL B 540 4.42 -14.32 -1.69
CA VAL B 540 3.14 -13.62 -1.69
C VAL B 540 2.16 -14.26 -2.68
N GLY B 541 2.66 -15.00 -3.65
CA GLY B 541 1.81 -15.76 -4.54
C GLY B 541 1.41 -15.00 -5.79
N PRO B 542 1.26 -15.72 -6.89
CA PRO B 542 1.10 -15.06 -8.19
C PRO B 542 -0.28 -14.46 -8.36
N ASP B 543 -1.22 -14.89 -7.53
CA ASP B 543 -2.59 -14.42 -7.61
C ASP B 543 -2.64 -12.91 -7.35
N ILE B 544 -1.81 -12.43 -6.45
CA ILE B 544 -1.80 -11.02 -6.08
C ILE B 544 -0.49 -10.36 -6.45
N MET B 545 0.56 -11.16 -6.71
CA MET B 545 1.80 -10.60 -7.22
C MET B 545 1.61 -9.92 -8.56
N ASN B 546 1.14 -10.66 -9.57
CA ASN B 546 1.02 -10.12 -10.92
C ASN B 546 0.22 -8.84 -10.96
N LYS B 547 -0.75 -8.68 -10.07
CA LYS B 547 -1.50 -7.44 -10.04
C LYS B 547 -0.66 -6.28 -9.55
N VAL B 548 0.41 -6.54 -8.79
CA VAL B 548 1.29 -5.47 -8.38
C VAL B 548 2.31 -5.11 -9.45
N PHE B 549 3.02 -6.10 -9.99
CA PHE B 549 3.99 -5.86 -11.04
C PHE B 549 3.37 -5.18 -12.25
N SER B 550 2.06 -5.16 -12.36
CA SER B 550 1.36 -4.53 -13.46
C SER B 550 0.76 -3.23 -13.01
N SER B 551 1.15 -2.75 -11.85
CA SER B 551 0.63 -1.48 -11.35
C SER B 551 1.43 -0.35 -11.99
N ASP B 552 1.19 0.87 -11.55
CA ASP B 552 1.87 2.03 -12.11
C ASP B 552 2.46 2.94 -11.04
N ASP B 553 2.24 2.64 -9.75
CA ASP B 553 3.16 3.43 -8.95
C ASP B 553 4.56 2.85 -9.05
N PRO B 554 5.54 3.72 -9.25
CA PRO B 554 6.93 3.23 -9.32
C PRO B 554 7.38 2.61 -8.02
N LEU B 555 7.12 3.27 -6.89
CA LEU B 555 7.58 2.78 -5.60
C LEU B 555 6.89 1.49 -5.19
N LEU B 556 5.68 1.25 -5.68
CA LEU B 556 5.10 -0.08 -5.50
C LEU B 556 6.01 -1.14 -6.09
N LEU B 557 6.35 -0.98 -7.36
CA LEU B 557 7.31 -1.87 -8.01
C LEU B 557 8.64 -1.89 -7.29
N SER B 558 9.04 -0.76 -6.71
CA SER B 558 10.28 -0.69 -5.94
C SER B 558 10.25 -1.62 -4.75
N ALA B 559 9.32 -1.40 -3.83
CA ALA B 559 9.18 -2.30 -2.67
C ALA B 559 8.98 -3.74 -3.11
N ALA B 560 8.29 -3.94 -4.24
CA ALA B 560 8.13 -5.29 -4.76
C ALA B 560 9.47 -5.92 -5.07
N CYS B 561 10.29 -5.27 -5.90
CA CYS B 561 11.57 -5.86 -6.24
C CYS B 561 12.50 -5.89 -5.03
N ARG B 562 12.26 -5.02 -4.06
CA ARG B 562 12.97 -5.12 -2.78
C ARG B 562 12.68 -6.45 -2.12
N TYR B 563 11.42 -6.73 -1.83
CA TYR B 563 11.01 -8.03 -1.36
C TYR B 563 11.56 -9.15 -2.23
N LEU B 564 11.63 -8.93 -3.54
CA LEU B 564 12.17 -9.94 -4.43
C LEU B 564 13.64 -10.23 -4.15
N VAL B 565 14.50 -9.23 -4.18
CA VAL B 565 15.91 -9.45 -3.88
C VAL B 565 16.07 -9.92 -2.45
N ALA B 566 15.28 -9.37 -1.53
CA ALA B 566 15.40 -9.80 -0.15
C ALA B 566 14.57 -11.05 0.07
N THR B 567 14.69 -12.01 -0.83
CA THR B 567 14.24 -13.36 -0.60
C THR B 567 15.28 -14.30 -1.17
N LYS B 568 16.05 -13.80 -2.13
CA LYS B 568 17.05 -14.61 -2.81
C LYS B 568 17.98 -15.27 -1.81
N ASN B 569 18.50 -14.51 -0.87
CA ASN B 569 19.38 -15.09 0.14
C ASN B 569 18.61 -16.06 1.02
N LYS B 570 17.28 -15.92 1.10
CA LYS B 570 16.46 -16.76 1.95
C LYS B 570 15.58 -17.71 1.13
N LEU B 571 15.87 -17.89 -0.15
CA LEU B 571 15.13 -18.83 -0.96
C LEU B 571 16.03 -19.85 -1.65
N MET B 572 17.25 -19.48 -2.01
CA MET B 572 18.08 -20.35 -2.84
C MET B 572 18.40 -21.67 -2.14
N GLN B 573 18.18 -21.73 -0.82
CA GLN B 573 18.42 -22.97 -0.09
C GLN B 573 17.44 -24.06 -0.51
N TYR B 574 16.18 -23.70 -0.71
CA TYR B 574 15.18 -24.65 -1.13
C TYR B 574 15.54 -25.24 -2.49
N PRO B 575 15.06 -26.44 -2.79
CA PRO B 575 15.41 -27.08 -4.06
C PRO B 575 14.97 -26.23 -5.25
N SER B 576 15.61 -26.48 -6.39
CA SER B 576 15.29 -25.74 -7.60
C SER B 576 13.85 -25.98 -8.02
N THR B 577 13.51 -27.24 -8.31
CA THR B 577 12.13 -27.61 -8.63
C THR B 577 11.35 -27.56 -7.33
N ASN B 578 10.86 -26.36 -7.01
CA ASN B 578 10.25 -26.07 -5.72
C ASN B 578 8.88 -25.45 -5.99
N LYS B 579 7.89 -25.87 -5.22
CA LYS B 579 6.53 -25.37 -5.37
C LYS B 579 6.49 -23.85 -5.40
N PHE B 580 7.26 -23.21 -4.53
CA PHE B 580 7.20 -21.75 -4.40
C PHE B 580 8.32 -21.02 -5.11
N VAL B 581 9.53 -21.58 -5.15
CA VAL B 581 10.55 -21.04 -6.03
C VAL B 581 10.05 -20.96 -7.47
N ARG B 582 9.24 -21.91 -7.92
CA ARG B 582 8.76 -21.93 -9.29
C ARG B 582 8.02 -20.65 -9.65
N MET B 583 7.35 -20.02 -8.69
CA MET B 583 6.66 -18.77 -9.01
C MET B 583 7.58 -17.58 -8.72
N GLN B 584 8.59 -17.77 -7.89
CA GLN B 584 9.50 -16.66 -7.60
C GLN B 584 10.38 -16.38 -8.81
N ASN B 585 11.17 -17.38 -9.22
CA ASN B 585 11.95 -17.24 -10.44
C ASN B 585 11.06 -16.91 -11.63
N GLN B 586 9.75 -17.15 -11.52
CA GLN B 586 8.82 -16.68 -12.55
C GLN B 586 8.76 -15.17 -12.54
N TYR B 587 8.54 -14.57 -11.37
CA TYR B 587 8.58 -13.11 -11.27
C TYR B 587 9.92 -12.61 -11.78
N ILE B 588 10.98 -13.35 -11.44
CA ILE B 588 12.29 -13.02 -11.96
C ILE B 588 12.38 -13.16 -13.47
N MET B 589 12.05 -14.33 -14.02
CA MET B 589 12.21 -14.59 -15.45
C MET B 589 11.52 -13.54 -16.31
N ASP B 590 10.51 -12.85 -15.78
CA ASP B 590 9.80 -11.87 -16.59
C ASP B 590 10.07 -10.43 -16.19
N LEU B 591 9.87 -10.05 -14.93
CA LEU B 591 10.05 -8.65 -14.56
C LEU B 591 11.45 -8.15 -14.88
N THR B 592 12.43 -9.03 -14.88
CA THR B 592 13.76 -8.69 -15.38
C THR B 592 13.72 -8.14 -16.79
N ASN B 593 12.68 -8.45 -17.56
CA ASN B 593 12.51 -7.90 -18.89
C ASN B 593 11.21 -7.13 -19.04
N TYR B 594 10.63 -6.68 -17.94
CA TYR B 594 9.58 -5.66 -18.02
C TYR B 594 10.11 -4.28 -17.72
N LEU B 595 11.36 -4.17 -17.27
CA LEU B 595 12.05 -2.92 -17.08
C LEU B 595 13.32 -2.83 -17.93
N TYR B 596 13.64 -3.90 -18.62
CA TYR B 596 14.95 -4.13 -19.22
C TYR B 596 14.73 -4.97 -20.47
N ARG B 597 15.64 -5.87 -20.78
CA ARG B 597 15.80 -6.42 -22.12
C ARG B 597 14.50 -7.06 -22.59
N ASN B 598 13.61 -6.21 -23.08
CA ASN B 598 12.23 -6.58 -23.39
C ASN B 598 12.14 -7.52 -24.57
N LYS B 599 11.98 -8.80 -24.28
CA LYS B 599 11.78 -9.83 -25.29
C LYS B 599 10.43 -10.50 -25.08
N VAL B 600 9.44 -9.72 -24.68
CA VAL B 600 8.13 -10.27 -24.31
C VAL B 600 7.48 -11.00 -25.46
N LEU B 601 7.68 -10.55 -26.69
CA LEU B 601 7.10 -11.24 -27.83
C LEU B 601 7.84 -12.54 -28.09
N SER B 602 9.17 -12.52 -27.93
CA SER B 602 9.93 -13.75 -28.01
C SER B 602 9.57 -14.73 -26.90
N SER B 603 9.25 -14.23 -25.72
CA SER B 603 8.85 -15.10 -24.61
C SER B 603 7.34 -15.27 -24.59
N LYS B 604 6.83 -15.86 -23.51
CA LYS B 604 5.41 -16.20 -23.42
C LYS B 604 4.93 -15.78 -22.03
N SER B 605 3.65 -15.41 -21.93
CA SER B 605 2.99 -15.17 -20.66
C SER B 605 3.70 -14.11 -19.83
N LEU B 606 3.67 -12.86 -20.28
CA LEU B 606 4.35 -11.76 -19.59
C LEU B 606 4.09 -11.77 -18.09
N PHE B 607 2.82 -11.61 -17.70
CA PHE B 607 2.42 -11.73 -16.31
C PHE B 607 1.47 -12.89 -16.07
N GLY B 608 1.60 -13.94 -16.87
CA GLY B 608 0.61 -15.00 -16.87
C GLY B 608 -0.38 -14.74 -17.99
N VAL B 609 -0.43 -13.48 -18.45
CA VAL B 609 -1.24 -13.14 -19.62
C VAL B 609 -0.44 -13.43 -20.88
N SER B 610 -1.06 -14.14 -21.81
CA SER B 610 -0.42 -14.63 -23.02
C SER B 610 0.18 -13.47 -23.80
N PRO B 611 1.33 -13.66 -24.46
CA PRO B 611 1.98 -12.56 -25.17
C PRO B 611 1.15 -11.98 -26.30
N ASP B 612 0.69 -12.79 -27.25
CA ASP B 612 0.03 -12.30 -28.45
C ASP B 612 -1.18 -11.42 -28.14
N PHE B 613 -1.64 -11.40 -26.89
CA PHE B 613 -2.49 -10.30 -26.46
C PHE B 613 -1.82 -8.97 -26.74
N PHE B 614 -0.51 -8.88 -26.47
CA PHE B 614 0.20 -7.64 -26.78
C PHE B 614 0.37 -7.45 -28.28
N LYS B 615 0.61 -8.54 -29.02
CA LYS B 615 0.59 -8.46 -30.47
C LYS B 615 -0.69 -7.79 -30.93
N GLN B 616 -1.83 -8.26 -30.44
CA GLN B 616 -3.10 -7.68 -30.83
C GLN B 616 -3.20 -6.22 -30.41
N ILE B 617 -3.04 -5.92 -29.12
CA ILE B 617 -3.32 -4.58 -28.64
C ILE B 617 -2.34 -3.56 -29.20
N LEU B 618 -1.10 -3.97 -29.49
CA LEU B 618 -0.13 -3.08 -30.13
C LEU B 618 -0.58 -2.64 -31.50
N GLU B 619 -1.18 -3.53 -32.28
CA GLU B 619 -1.88 -3.16 -33.51
C GLU B 619 -3.11 -2.39 -33.02
N ASN B 620 -3.54 -1.42 -33.81
CA ASN B 620 -4.65 -0.55 -33.47
C ASN B 620 -4.25 0.41 -32.36
N LEU B 621 -3.04 0.23 -31.82
CA LEU B 621 -2.43 1.27 -31.01
C LEU B 621 -1.63 2.18 -31.91
N TYR B 622 -2.18 3.35 -32.20
CA TYR B 622 -1.59 4.25 -33.19
C TYR B 622 -0.29 4.84 -32.67
N ILE B 623 0.74 4.77 -33.50
CA ILE B 623 2.03 5.42 -33.24
C ILE B 623 2.46 6.20 -34.47
N PRO B 624 2.82 7.47 -34.33
CA PRO B 624 3.27 8.25 -35.50
C PRO B 624 4.41 7.56 -36.25
N THR B 625 5.40 7.06 -35.53
CA THR B 625 6.48 6.36 -36.18
C THR B 625 6.14 4.88 -36.31
N ALA B 626 7.00 4.14 -37.02
CA ALA B 626 6.91 2.69 -37.05
C ALA B 626 8.30 2.10 -37.03
N ASP B 627 9.30 2.91 -36.71
CA ASP B 627 10.68 2.45 -36.75
C ASP B 627 10.91 1.35 -35.73
N PHE B 628 10.72 1.68 -34.45
CA PHE B 628 10.82 0.71 -33.36
C PHE B 628 9.56 0.88 -32.53
N LYS B 629 8.70 -0.13 -32.56
CA LYS B 629 7.45 -0.09 -31.80
C LYS B 629 7.39 -1.27 -30.84
N ASN B 630 7.71 -2.46 -31.34
CA ASN B 630 7.63 -3.68 -30.56
C ASN B 630 8.44 -3.58 -29.27
N ALA B 631 9.57 -2.90 -29.31
CA ALA B 631 10.39 -2.66 -28.13
C ALA B 631 10.39 -1.19 -27.74
N LYS B 632 9.46 -0.40 -28.29
CA LYS B 632 9.52 1.04 -28.07
C LYS B 632 9.24 1.42 -26.63
N PHE B 633 8.23 0.83 -26.01
CA PHE B 633 7.89 1.14 -24.64
C PHE B 633 7.72 -0.14 -23.82
N PHE B 634 8.85 -0.73 -23.40
CA PHE B 634 8.78 -1.81 -22.41
C PHE B 634 9.95 -1.83 -21.45
N THR B 635 10.58 -0.71 -21.11
CA THR B 635 11.69 -0.71 -20.16
C THR B 635 11.53 0.48 -19.24
N ILE B 636 12.61 0.77 -18.50
CA ILE B 636 12.78 2.04 -17.79
C ILE B 636 12.43 3.13 -18.78
N THR B 637 12.95 2.97 -19.98
CA THR B 637 12.75 3.87 -21.09
C THR B 637 11.48 3.44 -21.82
N GLY B 638 10.33 3.55 -21.15
CA GLY B 638 9.11 3.10 -21.79
C GLY B 638 8.04 2.44 -20.94
N ILE B 639 8.33 2.18 -19.68
CA ILE B 639 7.24 1.80 -18.77
C ILE B 639 6.51 3.07 -18.34
N PRO B 640 5.20 3.05 -18.15
CA PRO B 640 4.50 4.31 -17.82
C PRO B 640 4.79 4.81 -16.42
N ALA B 641 5.37 4.00 -15.56
CA ALA B 641 5.60 4.47 -14.20
C ALA B 641 6.94 5.17 -14.09
N LEU B 642 8.02 4.42 -14.26
CA LEU B 642 9.37 4.97 -14.17
C LEU B 642 10.00 5.24 -15.53
N SER B 643 9.30 6.02 -16.37
CA SER B 643 9.94 6.59 -17.54
C SER B 643 10.09 8.08 -17.36
N TYR B 644 9.02 8.76 -16.96
CA TYR B 644 9.18 10.18 -16.68
C TYR B 644 10.16 10.45 -15.56
N ILE B 645 10.23 9.60 -14.55
CA ILE B 645 11.29 9.74 -13.55
C ILE B 645 12.67 9.60 -14.19
N CYS B 646 12.80 8.76 -15.21
CA CYS B 646 14.09 8.56 -15.87
C CYS B 646 14.58 9.78 -16.63
N ILE B 647 13.69 10.56 -17.24
CA ILE B 647 14.17 11.76 -17.90
C ILE B 647 14.51 12.84 -16.88
N ILE B 648 13.84 12.85 -15.73
CA ILE B 648 14.32 13.70 -14.65
C ILE B 648 15.71 13.28 -14.23
N ILE B 649 15.96 11.98 -14.13
CA ILE B 649 17.31 11.50 -13.87
C ILE B 649 18.29 12.04 -14.89
N LEU B 650 17.98 11.90 -16.18
CA LEU B 650 18.87 12.35 -17.24
C LEU B 650 19.10 13.85 -17.19
N ARG B 651 18.04 14.62 -16.93
CA ARG B 651 18.18 16.07 -16.91
C ARG B 651 19.01 16.52 -15.71
N ARG B 652 18.62 16.10 -14.51
CA ARG B 652 19.40 16.43 -13.32
C ARG B 652 20.83 15.94 -13.41
N LEU B 653 21.09 14.85 -14.13
CA LEU B 653 22.46 14.41 -14.36
C LEU B 653 23.21 15.33 -15.31
N GLU B 654 22.59 15.71 -16.43
CA GLU B 654 23.22 16.66 -17.35
C GLU B 654 23.41 18.01 -16.69
N THR B 655 22.48 18.42 -15.83
CA THR B 655 22.64 19.65 -15.06
C THR B 655 23.92 19.65 -14.24
N ALA B 656 24.43 18.48 -13.87
CA ALA B 656 25.63 18.41 -13.06
C ALA B 656 26.88 18.76 -13.85
N GLU B 657 27.18 18.01 -14.91
CA GLU B 657 28.38 18.21 -15.69
C GLU B 657 28.31 19.47 -16.57
N ASN B 658 27.28 20.28 -16.40
CA ASN B 658 27.13 21.55 -17.10
C ASN B 658 27.22 21.36 -18.60
N THR B 659 26.35 20.50 -19.12
CA THR B 659 26.35 20.17 -20.53
C THR B 659 25.93 21.38 -21.36
N LYS B 660 26.30 21.38 -22.63
CA LYS B 660 25.86 22.40 -23.56
C LYS B 660 25.03 21.83 -24.70
N ILE B 661 24.38 20.69 -24.49
CA ILE B 661 23.58 20.09 -25.55
C ILE B 661 22.11 20.06 -25.15
N LYS B 662 21.84 19.89 -23.85
CA LYS B 662 20.52 20.18 -23.30
C LYS B 662 19.41 19.38 -23.98
N PHE B 663 19.37 18.07 -23.73
CA PHE B 663 18.42 17.15 -24.37
C PHE B 663 17.05 17.80 -24.54
N THR B 664 16.62 17.97 -25.79
CA THR B 664 15.56 18.91 -26.13
C THR B 664 14.19 18.26 -26.23
N SER B 665 13.84 17.44 -25.24
CA SER B 665 12.51 16.87 -25.09
C SER B 665 12.51 16.11 -23.77
N GLY B 666 11.42 15.42 -23.45
CA GLY B 666 11.63 14.32 -22.55
C GLY B 666 10.82 13.07 -22.82
N ILE B 667 11.53 12.04 -23.29
CA ILE B 667 11.31 10.61 -23.09
C ILE B 667 12.62 9.96 -23.49
N ILE B 668 13.13 9.05 -22.67
CA ILE B 668 14.22 8.23 -23.16
C ILE B 668 13.60 7.06 -23.89
N ASN B 669 14.06 6.82 -25.13
CA ASN B 669 13.40 5.89 -26.02
C ASN B 669 14.30 5.64 -27.22
N GLU B 670 14.38 4.36 -27.60
CA GLU B 670 15.33 3.89 -28.60
C GLU B 670 15.29 4.70 -29.89
N GLU B 671 14.14 5.29 -30.24
CA GLU B 671 14.08 6.16 -31.41
C GLU B 671 14.44 7.61 -31.10
N THR B 672 13.79 8.23 -30.12
CA THR B 672 14.09 9.61 -29.80
C THR B 672 15.51 9.78 -29.28
N PHE B 673 16.16 8.72 -28.83
CA PHE B 673 17.56 8.82 -28.47
C PHE B 673 18.44 8.89 -29.71
N ASN B 674 18.09 8.12 -30.75
CA ASN B 674 18.87 8.14 -31.98
C ASN B 674 18.83 9.50 -32.65
N ASN B 675 17.66 10.16 -32.61
CA ASN B 675 17.57 11.51 -33.15
C ASN B 675 18.58 12.43 -32.48
N PHE B 676 18.41 12.64 -31.18
CA PHE B 676 19.30 13.50 -30.41
C PHE B 676 20.74 13.04 -30.43
N PHE B 677 21.00 11.79 -30.82
CA PHE B 677 22.35 11.29 -30.94
C PHE B 677 22.95 11.55 -32.32
N ARG B 678 22.11 11.73 -33.33
CA ARG B 678 22.62 12.03 -34.67
C ARG B 678 22.60 13.51 -35.03
N VAL B 679 21.59 14.27 -34.62
CA VAL B 679 21.49 15.66 -35.07
C VAL B 679 22.39 16.54 -34.23
N HIS B 680 22.97 15.99 -33.17
CA HIS B 680 23.98 16.68 -32.38
C HIS B 680 25.25 15.87 -32.35
N HIS B 681 25.54 15.21 -33.48
CA HIS B 681 26.57 14.17 -33.51
C HIS B 681 27.95 14.69 -33.12
N ASP B 682 28.46 15.66 -33.87
CA ASP B 682 29.89 15.95 -33.79
C ASP B 682 30.25 16.68 -32.49
N GLU B 683 29.45 17.67 -32.09
CA GLU B 683 29.80 18.45 -30.90
C GLU B 683 29.87 17.56 -29.66
N ILE B 684 28.88 16.69 -29.47
CA ILE B 684 28.97 15.69 -28.39
C ILE B 684 30.13 14.76 -28.65
N GLY B 685 30.33 14.37 -29.92
CA GLY B 685 31.47 13.52 -30.26
C GLY B 685 32.77 14.07 -29.72
N GLN B 686 32.88 15.39 -29.65
CA GLN B 686 34.00 15.97 -28.93
C GLN B 686 33.77 15.87 -27.42
N HIS B 687 32.78 16.60 -26.91
CA HIS B 687 32.33 16.51 -25.54
C HIS B 687 31.06 17.30 -25.32
N GLY B 688 30.67 17.49 -24.06
CA GLY B 688 29.55 18.34 -23.73
C GLY B 688 28.32 17.54 -23.37
N TRP B 689 28.55 16.28 -22.97
CA TRP B 689 27.46 15.38 -22.67
C TRP B 689 28.00 14.21 -21.86
N ILE B 690 27.12 13.32 -21.41
CA ILE B 690 27.54 12.24 -20.52
C ILE B 690 28.68 11.46 -21.17
N LYS B 691 29.73 11.23 -20.39
CA LYS B 691 30.99 10.73 -20.95
C LYS B 691 30.83 9.35 -21.56
N GLY B 692 30.47 8.37 -20.74
CA GLY B 692 30.51 6.98 -21.17
C GLY B 692 29.69 6.63 -22.39
N VAL B 693 28.58 7.34 -22.59
CA VAL B 693 27.54 6.98 -23.56
C VAL B 693 28.10 6.76 -24.95
N ASN B 694 27.80 5.58 -25.51
CA ASN B 694 28.07 5.29 -26.91
C ASN B 694 26.87 4.60 -27.53
N ASN B 695 25.98 4.06 -26.69
CA ASN B 695 24.79 3.34 -27.17
C ASN B 695 23.77 3.40 -26.03
N ILE B 696 22.49 3.26 -26.39
CA ILE B 696 21.38 3.41 -25.45
C ILE B 696 21.59 2.60 -24.18
N HIS B 697 22.13 1.39 -24.30
CA HIS B 697 22.40 0.54 -23.16
C HIS B 697 23.34 1.25 -22.19
N ASP B 698 24.23 2.08 -22.72
CA ASP B 698 25.09 2.87 -21.86
C ASP B 698 24.30 3.92 -21.09
N LEU B 699 23.34 4.58 -21.75
CA LEU B 699 22.45 5.46 -21.01
C LEU B 699 21.70 4.72 -19.93
N ARG B 700 21.29 3.49 -20.19
CA ARG B 700 20.59 2.70 -19.19
C ARG B 700 21.47 2.36 -17.99
N VAL B 701 22.68 1.87 -18.22
CA VAL B 701 23.55 1.60 -17.08
C VAL B 701 23.86 2.89 -16.33
N LYS B 702 23.94 4.03 -17.02
CA LYS B 702 24.24 5.28 -16.32
C LYS B 702 23.07 5.72 -15.44
N ILE B 703 21.85 5.69 -15.98
CA ILE B 703 20.69 6.08 -15.18
C ILE B 703 20.51 5.11 -14.02
N LEU B 704 20.88 3.85 -14.20
CA LEU B 704 20.89 2.94 -13.07
C LEU B 704 21.90 3.37 -12.02
N MET B 705 23.19 3.41 -12.38
CA MET B 705 24.22 3.79 -11.41
C MET B 705 23.88 5.08 -10.68
N HIS B 706 23.27 6.05 -11.35
CA HIS B 706 22.84 7.22 -10.61
C HIS B 706 21.65 6.93 -9.73
N LEU B 707 20.73 6.08 -10.18
CA LEU B 707 19.56 5.76 -9.38
C LEU B 707 19.92 4.95 -8.14
N SER B 708 21.14 4.43 -8.07
CA SER B 708 21.57 3.57 -6.96
C SER B 708 22.33 4.33 -5.88
N ASN B 709 22.24 5.66 -5.87
CA ASN B 709 22.84 6.46 -4.80
C ASN B 709 21.70 7.04 -3.97
N THR B 710 21.65 6.62 -2.71
CA THR B 710 20.43 6.79 -1.94
C THR B 710 20.10 8.24 -1.62
N ALA B 711 19.24 8.83 -2.45
CA ALA B 711 18.47 10.01 -2.12
C ALA B 711 17.08 9.78 -2.65
N ASN B 712 16.99 8.88 -3.61
CA ASN B 712 15.79 8.55 -4.35
C ASN B 712 15.12 7.33 -3.75
N PRO B 713 13.85 7.46 -3.36
CA PRO B 713 13.14 6.31 -2.79
C PRO B 713 13.12 5.08 -3.69
N TYR B 714 13.22 5.25 -5.01
CA TYR B 714 13.13 4.12 -5.93
C TYR B 714 14.42 3.31 -5.96
N ARG B 715 15.35 3.61 -5.07
CA ARG B 715 16.69 3.03 -5.16
C ARG B 715 16.68 1.52 -5.28
N ASP B 716 15.71 0.84 -4.68
CA ASP B 716 15.73 -0.62 -4.65
C ASP B 716 15.68 -1.23 -6.05
N ILE B 717 15.11 -0.49 -7.01
CA ILE B 717 14.97 -1.01 -8.36
C ILE B 717 16.34 -1.35 -8.94
N ALA B 718 17.27 -0.40 -8.84
CA ALA B 718 18.61 -0.64 -9.37
C ALA B 718 19.27 -1.81 -8.67
N ALA B 719 19.04 -1.94 -7.37
CA ALA B 719 19.58 -3.09 -6.65
C ALA B 719 19.07 -4.38 -7.25
N PHE B 720 17.76 -4.44 -7.48
CA PHE B 720 17.16 -5.63 -8.09
C PHE B 720 17.81 -5.91 -9.44
N LEU B 721 17.93 -4.88 -10.26
CA LEU B 721 18.48 -5.04 -11.60
C LEU B 721 19.90 -5.59 -11.54
N PHE B 722 20.75 -4.97 -10.72
CA PHE B 722 22.12 -5.41 -10.60
C PHE B 722 22.20 -6.84 -10.09
N THR B 723 21.34 -7.17 -9.12
CA THR B 723 21.42 -8.47 -8.47
C THR B 723 20.96 -9.59 -9.40
N TYR B 724 20.00 -9.29 -10.27
CA TYR B 724 19.37 -10.39 -11.00
C TYR B 724 19.61 -10.35 -12.50
N LEU B 725 20.36 -9.36 -13.00
CA LEU B 725 20.50 -9.25 -14.45
C LEU B 725 21.71 -10.01 -14.96
N LYS B 726 22.85 -9.88 -14.29
CA LYS B 726 24.04 -10.66 -14.58
C LYS B 726 24.69 -10.21 -15.88
N SER B 727 24.01 -9.34 -16.64
CA SER B 727 24.64 -8.72 -17.79
C SER B 727 25.27 -7.40 -17.41
N LEU B 728 24.51 -6.54 -16.73
CA LEU B 728 25.01 -5.35 -16.10
C LEU B 728 25.52 -5.62 -14.68
N SER B 729 25.83 -6.87 -14.37
CA SER B 729 26.33 -7.21 -13.04
C SER B 729 27.61 -6.46 -12.70
N LYS B 730 28.35 -6.03 -13.71
CA LYS B 730 29.55 -5.22 -13.50
C LYS B 730 29.17 -3.79 -13.12
N TYR B 731 27.89 -3.55 -12.88
CA TYR B 731 27.39 -2.24 -12.50
C TYR B 731 27.67 -1.19 -13.57
N LYS C 8 -7.83 26.92 -25.76
CA LYS C 8 -9.10 27.10 -25.09
C LYS C 8 -10.20 26.29 -25.76
N ASP C 9 -10.57 26.69 -26.97
CA ASP C 9 -11.51 25.89 -27.74
C ASP C 9 -10.95 24.50 -28.02
N VAL C 10 -9.63 24.35 -27.93
CA VAL C 10 -9.01 23.04 -28.07
C VAL C 10 -9.58 22.08 -27.03
N LEU C 11 -9.39 22.40 -25.74
CA LEU C 11 -9.95 21.55 -24.69
C LEU C 11 -11.47 21.55 -24.73
N ASP C 12 -12.09 22.60 -25.26
CA ASP C 12 -13.54 22.60 -25.40
C ASP C 12 -14.00 21.48 -26.33
N VAL C 13 -13.49 21.46 -27.56
CA VAL C 13 -13.86 20.40 -28.49
C VAL C 13 -13.37 19.06 -27.98
N TYR C 14 -12.30 19.07 -27.17
CA TYR C 14 -11.88 17.85 -26.49
C TYR C 14 -12.98 17.35 -25.58
N ILE C 15 -13.64 18.26 -24.86
CA ILE C 15 -14.75 17.89 -24.00
C ILE C 15 -15.84 17.21 -24.80
N LYS C 16 -16.22 17.79 -25.94
CA LYS C 16 -17.29 17.22 -26.73
C LYS C 16 -16.85 15.89 -27.34
N ASN C 17 -15.58 15.78 -27.69
CA ASN C 17 -15.05 14.51 -28.21
C ASN C 17 -15.16 13.42 -27.15
N LEU C 18 -14.75 13.71 -25.92
CA LEU C 18 -14.84 12.72 -24.86
C LEU C 18 -16.29 12.41 -24.55
N GLU C 19 -17.17 13.41 -24.62
CA GLU C 19 -18.59 13.17 -24.46
C GLU C 19 -19.09 12.17 -25.49
N ASN C 20 -18.66 12.34 -26.74
CA ASN C 20 -19.01 11.40 -27.80
C ASN C 20 -18.50 10.01 -27.49
N GLN C 21 -17.24 9.92 -27.05
CA GLN C 21 -16.67 8.63 -26.71
C GLN C 21 -17.47 7.95 -25.60
N ILE C 22 -17.88 8.72 -24.60
CA ILE C 22 -18.66 8.17 -23.50
C ILE C 22 -20.01 7.69 -23.99
N GLY C 23 -20.66 8.48 -24.84
CA GLY C 23 -21.94 8.08 -25.39
C GLY C 23 -21.82 6.77 -26.14
N ASN C 24 -20.77 6.67 -26.97
CA ASN C 24 -20.53 5.47 -27.74
C ASN C 24 -20.30 4.27 -26.84
N LYS C 25 -19.48 4.45 -25.81
CA LYS C 25 -19.13 3.33 -24.95
C LYS C 25 -20.32 2.92 -24.09
N ARG C 26 -21.15 3.88 -23.70
CA ARG C 26 -22.35 3.55 -22.94
C ARG C 26 -23.35 2.81 -23.80
N TYR C 27 -23.49 3.22 -25.06
CA TYR C 27 -24.29 2.45 -26.01
C TYR C 27 -23.76 1.03 -26.15
N PHE C 28 -22.44 0.89 -26.30
CA PHE C 28 -21.82 -0.44 -26.32
C PHE C 28 -22.17 -1.23 -25.08
N LEU C 29 -22.13 -0.59 -23.92
CA LEU C 29 -22.46 -1.26 -22.67
C LEU C 29 -23.89 -1.77 -22.67
N LYS C 30 -24.83 -0.90 -23.04
CA LYS C 30 -26.23 -1.32 -23.13
C LYS C 30 -26.38 -2.52 -24.04
N GLN C 31 -25.75 -2.46 -25.22
CA GLN C 31 -25.90 -3.53 -26.19
C GLN C 31 -25.32 -4.84 -25.67
N ALA C 32 -24.14 -4.77 -25.05
CA ALA C 32 -23.49 -5.99 -24.56
C ALA C 32 -24.27 -6.59 -23.40
N GLN C 33 -24.77 -5.74 -22.50
CA GLN C 33 -25.62 -6.22 -21.42
C GLN C 33 -26.86 -6.90 -21.96
N GLY C 34 -27.44 -6.32 -23.01
CA GLY C 34 -28.60 -6.94 -23.63
C GLY C 34 -28.28 -8.31 -24.19
N ALA C 35 -27.17 -8.43 -24.92
CA ALA C 35 -26.79 -9.72 -25.48
C ALA C 35 -26.57 -10.75 -24.37
N ILE C 36 -25.87 -10.34 -23.30
CA ILE C 36 -25.61 -11.25 -22.19
C ILE C 36 -26.92 -11.75 -21.59
N ASP C 37 -27.76 -10.83 -21.12
CA ASP C 37 -28.98 -11.25 -20.45
C ASP C 37 -29.90 -12.00 -21.40
N GLU C 38 -29.82 -11.73 -22.70
CA GLU C 38 -30.53 -12.54 -23.67
C GLU C 38 -30.08 -13.98 -23.62
N ILE C 39 -28.77 -14.21 -23.69
CA ILE C 39 -28.27 -15.58 -23.61
C ILE C 39 -28.67 -16.21 -22.30
N THR C 40 -28.65 -15.43 -21.21
CA THR C 40 -29.01 -15.98 -19.90
C THR C 40 -30.46 -16.44 -19.88
N LYS C 41 -31.38 -15.57 -20.31
CA LYS C 41 -32.80 -15.92 -20.28
C LYS C 41 -33.10 -17.08 -21.21
N ARG C 42 -32.43 -17.13 -22.37
CA ARG C 42 -32.60 -18.27 -23.24
C ARG C 42 -32.03 -19.54 -22.62
N SER C 43 -31.15 -19.38 -21.64
CA SER C 43 -30.58 -20.49 -20.88
C SER C 43 -31.17 -20.57 -19.48
N LEU C 44 -32.48 -20.34 -19.36
CA LEU C 44 -33.15 -20.17 -18.08
C LEU C 44 -33.23 -21.43 -17.24
N ASP C 45 -32.75 -22.56 -17.76
CA ASP C 45 -33.03 -23.87 -17.20
C ASP C 45 -32.87 -23.92 -15.68
N THR C 46 -31.64 -23.79 -15.17
CA THR C 46 -31.39 -23.49 -13.77
C THR C 46 -29.96 -23.04 -13.55
N GLU C 47 -29.77 -21.74 -13.31
CA GLU C 47 -28.53 -21.17 -12.75
C GLU C 47 -27.28 -21.89 -13.24
N GLY C 48 -27.23 -22.22 -14.53
CA GLY C 48 -26.15 -23.00 -15.08
C GLY C 48 -24.78 -22.40 -14.80
N LYS C 49 -23.96 -23.13 -14.06
CA LYS C 49 -22.66 -22.59 -13.70
C LYS C 49 -21.56 -23.63 -13.88
N PRO C 50 -21.32 -24.12 -15.09
CA PRO C 50 -20.30 -25.16 -15.25
C PRO C 50 -18.92 -24.60 -15.54
N VAL C 51 -17.89 -25.42 -15.35
CA VAL C 51 -16.49 -25.02 -15.57
C VAL C 51 -16.32 -24.56 -17.01
N ASN C 52 -15.40 -23.63 -17.23
CA ASN C 52 -15.12 -23.08 -18.55
C ASN C 52 -13.98 -23.87 -19.16
N SER C 53 -14.30 -24.71 -20.14
CA SER C 53 -13.37 -25.74 -20.61
C SER C 53 -12.38 -25.21 -21.64
N GLU C 54 -11.15 -24.96 -21.22
CA GLU C 54 -10.01 -24.72 -22.09
C GLU C 54 -10.31 -23.66 -23.15
N VAL C 55 -11.23 -22.74 -22.83
CA VAL C 55 -11.52 -21.64 -23.73
C VAL C 55 -11.32 -20.30 -23.03
N PHE C 56 -11.37 -20.28 -21.71
CA PHE C 56 -10.90 -19.11 -20.97
C PHE C 56 -9.49 -18.75 -21.40
N THR C 57 -8.62 -19.75 -21.54
CA THR C 57 -7.31 -19.53 -22.14
C THR C 57 -7.45 -18.96 -23.54
N GLU C 58 -8.27 -19.59 -24.37
CA GLU C 58 -8.52 -19.10 -25.71
C GLU C 58 -9.27 -17.77 -25.70
N LEU C 59 -9.67 -17.29 -24.53
CA LEU C 59 -10.13 -15.93 -24.35
C LEU C 59 -9.01 -15.01 -23.87
N LEU C 60 -8.10 -15.52 -23.04
CA LEU C 60 -6.97 -14.73 -22.56
C LEU C 60 -5.87 -14.65 -23.61
N ARG C 61 -6.22 -14.98 -24.85
CA ARG C 61 -5.30 -14.83 -25.97
C ARG C 61 -5.66 -13.68 -26.88
N LYS C 62 -6.81 -13.03 -26.69
CA LYS C 62 -7.19 -11.89 -27.52
C LYS C 62 -7.99 -10.91 -26.67
N PRO C 63 -7.89 -9.63 -26.96
CA PRO C 63 -8.67 -8.65 -26.20
C PRO C 63 -9.99 -8.33 -26.86
N MET C 64 -10.82 -7.56 -26.17
CA MET C 64 -11.98 -6.92 -26.77
C MET C 64 -11.69 -5.43 -26.91
N PHE C 65 -12.54 -4.76 -27.65
CA PHE C 65 -12.47 -3.31 -27.81
C PHE C 65 -11.11 -2.84 -28.31
N PHE C 66 -10.76 -3.19 -29.54
CA PHE C 66 -9.62 -2.58 -30.20
C PHE C 66 -9.94 -1.10 -30.42
N SER C 67 -9.33 -0.24 -29.60
CA SER C 67 -9.73 1.14 -29.54
C SER C 67 -9.49 1.85 -30.88
N GLU C 68 -10.35 2.82 -31.17
CA GLU C 68 -10.21 3.69 -32.33
C GLU C 68 -9.00 4.59 -32.08
N ARG C 69 -8.28 4.91 -33.16
CA ARG C 69 -7.13 5.80 -33.09
C ARG C 69 -7.46 7.11 -32.40
N ALA C 70 -8.53 7.78 -32.84
CA ALA C 70 -8.89 9.08 -32.31
C ALA C 70 -9.35 9.03 -30.87
N ASP C 71 -9.48 7.85 -30.28
CA ASP C 71 -9.95 7.74 -28.91
C ASP C 71 -8.88 8.27 -27.96
N PRO C 72 -9.12 9.37 -27.28
CA PRO C 72 -8.09 9.93 -26.40
C PRO C 72 -8.11 9.28 -25.03
N ILE C 73 -8.83 8.16 -24.93
CA ILE C 73 -8.94 7.41 -23.68
C ILE C 73 -7.57 7.17 -23.05
N GLY C 74 -6.53 6.95 -23.86
CA GLY C 74 -5.19 6.82 -23.31
C GLY C 74 -4.82 7.98 -22.43
N PHE C 75 -5.13 9.20 -22.86
CA PHE C 75 -4.90 10.36 -22.00
C PHE C 75 -5.69 10.29 -20.71
N SER C 76 -6.99 10.06 -20.80
CA SER C 76 -7.78 9.80 -19.61
C SER C 76 -7.19 8.70 -18.74
N LEU C 77 -6.67 7.65 -19.36
CA LEU C 77 -6.15 6.53 -18.60
C LEU C 77 -4.88 6.89 -17.85
N THR C 78 -4.30 8.06 -18.11
CA THR C 78 -3.13 8.52 -17.38
C THR C 78 -3.38 9.82 -16.64
N SER C 79 -4.23 10.70 -17.18
CA SER C 79 -4.56 11.93 -16.51
C SER C 79 -5.43 11.73 -15.28
N ASN C 80 -6.18 10.63 -15.22
CA ASN C 80 -6.87 10.27 -14.00
C ASN C 80 -6.00 9.51 -13.03
N PHE C 81 -5.19 8.57 -13.51
CA PHE C 81 -4.40 7.74 -12.62
C PHE C 81 -3.32 8.50 -11.90
N LEU C 82 -2.73 9.51 -12.50
CA LEU C 82 -1.64 10.25 -11.88
C LEU C 82 -2.11 11.44 -11.08
N SER C 83 -3.22 12.07 -11.48
CA SER C 83 -3.81 13.17 -10.71
C SER C 83 -4.39 12.68 -9.40
N LEU C 84 -5.11 11.56 -9.43
CA LEU C 84 -5.49 10.89 -8.20
C LEU C 84 -4.29 10.38 -7.43
N ARG C 85 -3.19 10.06 -8.10
CA ARG C 85 -2.03 9.50 -7.45
C ARG C 85 -1.27 10.53 -6.63
N ALA C 86 -1.26 11.79 -7.06
CA ALA C 86 -0.65 12.86 -6.29
C ALA C 86 -1.62 13.55 -5.35
N GLN C 87 -2.90 13.26 -5.44
CA GLN C 87 -3.88 13.77 -4.49
C GLN C 87 -4.17 12.78 -3.37
N SER C 88 -3.61 11.59 -3.45
CA SER C 88 -3.70 10.61 -2.38
C SER C 88 -2.45 10.56 -1.53
N SER C 89 -1.27 10.68 -2.14
CA SER C 89 -0.03 10.69 -1.39
C SER C 89 0.02 11.80 -0.35
N SER C 90 -0.47 12.99 -0.70
CA SER C 90 -0.50 14.11 0.24
C SER C 90 -1.30 13.76 1.48
N GLU C 91 -2.50 13.19 1.30
CA GLU C 91 -3.34 12.89 2.45
C GLU C 91 -2.78 11.72 3.25
N TRP C 92 -2.22 10.72 2.56
CA TRP C 92 -1.56 9.64 3.28
C TRP C 92 -0.42 10.16 4.13
N LEU C 93 0.39 11.07 3.59
CA LEU C 93 1.49 11.63 4.37
C LEU C 93 0.96 12.48 5.51
N SER C 94 -0.12 13.22 5.29
CA SER C 94 -0.74 13.96 6.37
C SER C 94 -1.15 13.01 7.50
N LEU C 95 -1.70 11.86 7.16
CA LEU C 95 -2.03 10.87 8.18
C LEU C 95 -0.78 10.37 8.88
N MET C 96 0.23 9.95 8.11
CA MET C 96 1.42 9.35 8.69
C MET C 96 2.11 10.31 9.64
N ASN C 97 2.50 11.49 9.17
CA ASN C 97 3.15 12.43 10.08
C ASN C 97 2.21 12.87 11.18
N ASP C 98 0.91 13.02 10.88
CA ASP C 98 -0.08 13.24 11.91
C ASP C 98 -0.15 12.09 12.90
N GLN C 99 0.19 10.87 12.46
CA GLN C 99 0.16 9.71 13.34
C GLN C 99 1.51 9.40 13.94
N SER C 100 2.60 9.87 13.32
CA SER C 100 3.92 9.66 13.88
C SER C 100 4.29 10.72 14.92
N VAL C 101 3.58 11.84 14.95
CA VAL C 101 3.78 12.81 16.02
C VAL C 101 3.02 12.42 17.27
N ASP C 102 1.83 11.82 17.14
CA ASP C 102 1.10 11.38 18.32
C ASP C 102 1.79 10.18 18.97
N GLN C 103 2.30 9.25 18.15
CA GLN C 103 3.11 8.17 18.71
C GLN C 103 4.36 8.71 19.38
N LYS C 104 4.99 9.70 18.77
CA LYS C 104 6.18 10.29 19.38
C LYS C 104 5.87 10.90 20.74
N ALA C 105 4.79 11.66 20.81
CA ALA C 105 4.36 12.25 22.08
C ALA C 105 4.00 11.20 23.11
N MET C 106 3.23 10.19 22.73
CA MET C 106 2.81 9.15 23.66
C MET C 106 3.97 8.32 24.17
N LEU C 107 4.96 8.04 23.33
CA LEU C 107 6.14 7.31 23.76
C LEU C 107 6.87 7.98 24.91
N LEU C 108 6.95 9.31 24.91
CA LEU C 108 7.54 10.02 26.05
C LEU C 108 6.71 9.83 27.31
N LEU C 109 5.38 9.93 27.17
CA LEU C 109 4.51 9.72 28.32
C LEU C 109 4.65 8.30 28.86
N GLN C 110 4.75 7.32 27.96
CA GLN C 110 4.95 5.96 28.40
C GLN C 110 6.34 5.72 28.99
N ASN C 111 7.34 6.48 28.57
CA ASN C 111 8.68 6.24 29.06
C ASN C 111 8.96 6.91 30.39
N ASN C 112 8.44 8.11 30.61
CA ASN C 112 8.61 8.72 31.93
C ASN C 112 7.88 7.92 33.00
N ILE C 113 6.68 7.44 32.69
CA ILE C 113 5.95 6.59 33.63
C ILE C 113 6.69 5.28 33.83
N ASN C 114 7.21 4.71 32.74
CA ASN C 114 7.99 3.49 32.88
C ASN C 114 9.21 3.68 33.77
N SER C 115 9.89 4.81 33.67
CA SER C 115 11.06 5.09 34.50
C SER C 115 10.66 5.30 35.96
N ASP C 116 9.62 6.12 36.19
CA ASP C 116 9.14 6.30 37.55
C ASP C 116 8.74 4.96 38.17
N LEU C 117 8.14 4.09 37.38
CA LEU C 117 7.71 2.80 37.90
C LEU C 117 8.91 1.90 38.20
N LYS C 118 9.88 1.87 37.28
CA LYS C 118 11.05 1.03 37.51
C LYS C 118 11.85 1.52 38.70
N GLU C 119 11.81 2.82 38.97
CA GLU C 119 12.51 3.34 40.13
C GLU C 119 11.73 3.02 41.41
N LEU C 120 10.45 3.38 41.45
CA LEU C 120 9.58 3.05 42.58
C LEU C 120 9.59 1.57 42.90
N LEU C 121 9.80 0.71 41.92
CA LEU C 121 10.06 -0.69 42.21
C LEU C 121 11.22 -0.85 43.17
N ARG C 122 12.34 -0.19 42.90
CA ARG C 122 13.47 -0.22 43.83
C ARG C 122 13.07 0.34 45.18
N LYS C 123 12.33 1.46 45.18
CA LYS C 123 11.84 2.05 46.42
C LYS C 123 11.13 1.02 47.28
N LEU C 124 10.10 0.39 46.71
CA LEU C 124 9.30 -0.56 47.47
C LEU C 124 10.11 -1.79 47.85
N GLN C 125 10.97 -2.26 46.94
CA GLN C 125 11.71 -3.48 47.23
C GLN C 125 12.70 -3.27 48.37
N HIS C 126 13.37 -2.13 48.38
CA HIS C 126 14.28 -1.81 49.48
C HIS C 126 13.52 -1.50 50.76
N GLN C 127 12.35 -0.87 50.66
CA GLN C 127 11.51 -0.68 51.82
C GLN C 127 11.08 -2.02 52.39
N MET C 128 10.88 -3.01 51.53
CA MET C 128 10.57 -4.36 51.99
C MET C 128 11.71 -4.90 52.84
N THR C 129 12.92 -4.83 52.31
CA THR C 129 14.09 -5.30 53.05
C THR C 129 14.23 -4.59 54.39
N ILE C 130 14.04 -3.27 54.40
CA ILE C 130 14.25 -2.52 55.64
C ILE C 130 13.14 -2.82 56.64
N MET C 131 11.91 -3.04 56.16
CA MET C 131 10.86 -3.48 57.07
C MET C 131 10.96 -4.97 57.31
N ASP C 132 11.83 -5.65 56.57
CA ASP C 132 12.12 -7.06 56.83
C ASP C 132 13.14 -7.11 57.96
N SER C 133 12.83 -6.35 59.02
CA SER C 133 13.56 -6.37 60.28
C SER C 133 12.59 -6.73 61.39
N LYS C 134 11.47 -6.02 61.45
CA LYS C 134 10.39 -6.30 62.39
C LYS C 134 9.15 -5.53 62.01
#